data_4DCI
#
_entry.id   4DCI
#
_cell.length_a   148.272
_cell.length_b   164.522
_cell.length_c   105.421
_cell.angle_alpha   90.000
_cell.angle_beta   131.800
_cell.angle_gamma   90.000
#
_symmetry.space_group_name_H-M   'C 1 2 1'
#
loop_
_entity.id
_entity.type
_entity.pdbx_description
1 polymer 'uncharacterized protein'
2 non-polymer 'SULFATE ION'
3 water water
#
_entity_poly.entity_id   1
_entity_poly.type   'polypeptide(L)'
_entity_poly.pdbx_seq_one_letter_code
;SNA(MSE)SDGTILTIKRPITVRAVVTPTWKEEAEREISNGIANADQQLAQLEQEGQTVVDQVRRQSANPLDPRVQEQVA
NIQQQVAGKRSELEEQKRNLLQQQAQVRELE(MSE)DQIVEQGQLESSCEIKVGDNLVEK(MSE)QVAIVVRDGVIQSIE
EA
;
_entity_poly.pdbx_strand_id   A,B,C,D,E,F,G,H
#
loop_
_chem_comp.id
_chem_comp.type
_chem_comp.name
_chem_comp.formula
SO4 non-polymer 'SULFATE ION' 'O4 S -2'
#
# COMPACT_ATOMS: atom_id res chain seq x y z
N ALA A 3 -35.72 -42.31 10.29
CA ALA A 3 -34.24 -42.12 10.09
C ALA A 3 -33.89 -42.14 8.60
N MSE A 4 -33.57 -40.95 8.06
CA MSE A 4 -33.38 -40.76 6.59
C MSE A 4 -32.04 -40.08 6.20
O MSE A 4 -31.47 -39.32 6.98
CB MSE A 4 -34.56 -39.95 6.01
CG MSE A 4 -35.94 -40.60 6.15
SE MSE A 4 -36.22 -42.15 4.99
CE MSE A 4 -37.25 -41.34 3.54
N SER A 5 -31.56 -40.37 4.99
CA SER A 5 -30.37 -39.74 4.43
C SER A 5 -30.59 -39.23 3.00
N ASP A 6 -30.74 -37.90 2.89
CA ASP A 6 -30.93 -37.19 1.63
C ASP A 6 -29.84 -37.50 0.61
N GLY A 7 -30.24 -37.88 -0.61
CA GLY A 7 -29.29 -38.18 -1.67
C GLY A 7 -29.68 -37.48 -2.96
N THR A 8 -29.92 -36.18 -2.85
CA THR A 8 -30.38 -35.41 -4.00
C THR A 8 -29.25 -35.13 -4.98
N ILE A 9 -29.56 -35.30 -6.26
CA ILE A 9 -28.63 -34.96 -7.34
C ILE A 9 -29.02 -33.58 -7.87
N LEU A 10 -28.03 -32.69 -8.00
CA LEU A 10 -28.28 -31.34 -8.49
C LEU A 10 -27.69 -31.17 -9.87
N THR A 11 -28.31 -30.30 -10.66
CA THR A 11 -27.83 -30.06 -12.02
C THR A 11 -27.12 -28.73 -12.09
N ILE A 12 -25.88 -28.78 -12.56
CA ILE A 12 -24.98 -27.65 -12.55
C ILE A 12 -24.71 -27.15 -13.97
N LYS A 13 -24.22 -25.93 -14.08
CA LYS A 13 -23.69 -25.43 -15.32
C LYS A 13 -22.17 -25.42 -15.19
N ARG A 14 -21.50 -26.01 -16.16
CA ARG A 14 -20.06 -25.96 -16.19
C ARG A 14 -19.57 -25.71 -17.59
N PRO A 15 -18.41 -25.06 -17.71
CA PRO A 15 -17.85 -24.87 -19.03
C PRO A 15 -17.13 -26.12 -19.48
N ILE A 16 -17.20 -26.41 -20.76
CA ILE A 16 -16.32 -27.37 -21.38
C ILE A 16 -15.28 -26.55 -22.10
N THR A 17 -14.03 -26.93 -21.99
CA THR A 17 -12.99 -26.26 -22.75
C THR A 17 -12.96 -26.85 -24.14
N VAL A 18 -12.79 -26.01 -25.14
CA VAL A 18 -12.72 -26.53 -26.48
C VAL A 18 -11.30 -26.38 -26.99
N ARG A 19 -10.79 -27.41 -27.64
CA ARG A 19 -9.46 -27.34 -28.23
C ARG A 19 -9.53 -27.73 -29.70
N ALA A 20 -8.77 -27.04 -30.54
CA ALA A 20 -8.77 -27.41 -31.95
C ALA A 20 -7.48 -28.02 -32.44
N VAL A 21 -7.58 -28.82 -33.49
CA VAL A 21 -6.40 -29.36 -34.13
C VAL A 21 -6.02 -28.42 -35.24
N VAL A 22 -4.76 -28.02 -35.25
CA VAL A 22 -4.27 -27.15 -36.30
C VAL A 22 -4.31 -27.89 -37.66
N THR A 23 -5.23 -27.43 -38.50
CA THR A 23 -5.44 -27.97 -39.83
C THR A 23 -5.51 -26.79 -40.79
N PRO A 24 -5.22 -27.03 -42.08
CA PRO A 24 -5.40 -26.00 -43.11
C PRO A 24 -6.70 -25.19 -42.95
N THR A 25 -7.84 -25.87 -42.88
CA THR A 25 -9.13 -25.21 -42.65
C THR A 25 -9.08 -24.30 -41.43
N TRP A 26 -8.56 -24.81 -40.31
CA TRP A 26 -8.52 -24.04 -39.08
C TRP A 26 -7.77 -22.76 -39.28
N LYS A 27 -6.60 -22.83 -39.93
CA LYS A 27 -5.78 -21.64 -40.18
C LYS A 27 -6.52 -20.62 -41.03
N GLU A 28 -6.98 -21.09 -42.18
CA GLU A 28 -7.79 -20.31 -43.10
C GLU A 28 -8.87 -19.51 -42.37
N GLU A 29 -9.61 -20.17 -41.46
CA GLU A 29 -10.67 -19.52 -40.70
C GLU A 29 -10.16 -18.67 -39.55
N ALA A 30 -9.03 -19.03 -38.98
CA ALA A 30 -8.42 -18.21 -37.93
C ALA A 30 -7.87 -16.90 -38.52
N GLU A 31 -7.17 -16.99 -39.65
CA GLU A 31 -6.63 -15.82 -40.34
C GLU A 31 -7.73 -14.78 -40.57
N ARG A 32 -8.83 -15.26 -41.15
CA ARG A 32 -10.00 -14.43 -41.40
C ARG A 32 -10.49 -13.71 -40.13
N GLU A 33 -10.81 -14.49 -39.10
CA GLU A 33 -11.22 -13.94 -37.81
C GLU A 33 -10.31 -12.79 -37.39
N ILE A 34 -9.00 -13.03 -37.41
CA ILE A 34 -7.98 -12.04 -37.04
C ILE A 34 -7.97 -10.83 -37.99
N SER A 35 -8.04 -11.09 -39.31
CA SER A 35 -8.13 -10.02 -40.29
C SER A 35 -9.33 -9.09 -40.03
N ASN A 36 -10.50 -9.68 -39.75
CA ASN A 36 -11.68 -8.90 -39.39
C ASN A 36 -11.47 -7.96 -38.22
N GLY A 37 -10.70 -8.42 -37.23
CA GLY A 37 -10.29 -7.59 -36.09
C GLY A 37 -9.38 -6.45 -36.53
N ILE A 38 -8.38 -6.78 -37.38
CA ILE A 38 -7.48 -5.77 -37.93
C ILE A 38 -8.29 -4.72 -38.69
N ALA A 39 -9.12 -5.17 -39.63
CA ALA A 39 -9.94 -4.28 -40.45
C ALA A 39 -10.72 -3.31 -39.59
N ASN A 40 -11.31 -3.85 -38.53
CA ASN A 40 -12.09 -3.10 -37.55
C ASN A 40 -11.28 -2.00 -36.87
N ALA A 41 -10.07 -2.34 -36.44
CA ALA A 41 -9.19 -1.36 -35.78
C ALA A 41 -8.70 -0.29 -36.75
N ASP A 42 -8.50 -0.64 -38.02
CA ASP A 42 -8.10 0.31 -39.05
C ASP A 42 -9.17 1.39 -39.34
N GLN A 43 -10.43 0.95 -39.39
CA GLN A 43 -11.57 1.84 -39.63
C GLN A 43 -11.78 2.74 -38.42
N GLN A 44 -11.64 2.16 -37.24
CA GLN A 44 -11.75 2.93 -36.00
C GLN A 44 -10.67 4.00 -35.89
N LEU A 45 -9.47 3.69 -36.38
CA LEU A 45 -8.34 4.61 -36.35
C LEU A 45 -8.53 5.79 -37.28
N ALA A 46 -9.07 5.52 -38.47
CA ALA A 46 -9.37 6.57 -39.44
C ALA A 46 -10.45 7.50 -38.88
N GLN A 47 -11.56 6.91 -38.45
CA GLN A 47 -12.72 7.61 -37.87
C GLN A 47 -12.33 8.55 -36.74
N LEU A 48 -11.49 8.07 -35.83
CA LEU A 48 -10.93 8.85 -34.73
C LEU A 48 -10.22 10.12 -35.21
N GLU A 49 -9.33 9.97 -36.20
CA GLU A 49 -8.55 11.07 -36.77
C GLU A 49 -9.41 12.09 -37.50
N GLN A 50 -10.21 11.63 -38.45
CA GLN A 50 -11.09 12.52 -39.20
C GLN A 50 -12.05 13.21 -38.25
N GLU A 51 -12.56 12.45 -37.29
CA GLU A 51 -13.45 12.99 -36.27
C GLU A 51 -12.75 14.08 -35.46
N GLY A 52 -11.51 13.81 -35.05
CA GLY A 52 -10.69 14.78 -34.33
C GLY A 52 -10.30 15.99 -35.18
N GLN A 53 -9.90 15.72 -36.41
CA GLN A 53 -9.58 16.78 -37.36
C GLN A 53 -10.73 17.76 -37.52
N THR A 54 -11.94 17.22 -37.73
CA THR A 54 -13.15 18.03 -37.87
C THR A 54 -13.32 18.99 -36.69
N VAL A 55 -13.17 18.50 -35.46
CA VAL A 55 -13.28 19.36 -34.27
C VAL A 55 -12.25 20.48 -34.31
N VAL A 56 -11.00 20.15 -34.69
CA VAL A 56 -9.93 21.15 -34.79
C VAL A 56 -10.31 22.27 -35.75
N ASP A 57 -10.70 21.86 -36.97
CA ASP A 57 -11.19 22.76 -38.02
C ASP A 57 -12.32 23.66 -37.55
N GLN A 58 -13.36 23.05 -37.00
CA GLN A 58 -14.53 23.77 -36.51
C GLN A 58 -14.11 24.88 -35.54
N VAL A 59 -13.36 24.51 -34.51
CA VAL A 59 -12.90 25.45 -33.48
C VAL A 59 -12.10 26.62 -34.07
N ARG A 60 -11.16 26.33 -34.96
CA ARG A 60 -10.37 27.38 -35.61
C ARG A 60 -11.22 28.35 -36.42
N ARG A 61 -12.16 27.81 -37.20
CA ARG A 61 -13.06 28.56 -38.05
C ARG A 61 -13.97 29.54 -37.28
N GLN A 62 -14.38 29.15 -36.08
CA GLN A 62 -15.26 29.95 -35.24
C GLN A 62 -14.42 30.67 -34.18
N SER A 63 -13.59 31.59 -34.66
CA SER A 63 -12.64 32.32 -33.83
C SER A 63 -12.18 33.60 -34.51
N ALA A 64 -12.22 33.58 -35.85
CA ALA A 64 -11.67 34.65 -36.71
C ALA A 64 -10.16 34.84 -36.51
N ASN A 65 -9.61 34.25 -35.45
CA ASN A 65 -8.16 34.12 -35.29
C ASN A 65 -7.69 32.77 -34.72
N PRO A 66 -7.38 31.82 -35.63
CA PRO A 66 -6.89 30.48 -35.28
C PRO A 66 -5.61 30.45 -34.43
N LEU A 67 -4.84 31.54 -34.47
CA LEU A 67 -3.57 31.58 -33.78
C LEU A 67 -3.66 32.16 -32.37
N ASP A 68 -4.87 32.51 -31.96
CA ASP A 68 -5.12 32.93 -30.60
C ASP A 68 -4.55 31.91 -29.60
N PRO A 69 -3.83 32.38 -28.55
CA PRO A 69 -3.26 31.49 -27.52
C PRO A 69 -4.28 30.55 -26.89
N ARG A 70 -5.56 30.91 -26.95
CA ARG A 70 -6.63 30.14 -26.33
C ARG A 70 -7.09 29.01 -27.25
N VAL A 71 -7.18 29.31 -28.54
CA VAL A 71 -7.49 28.30 -29.56
C VAL A 71 -6.39 27.25 -29.59
N GLN A 72 -5.15 27.68 -29.71
CA GLN A 72 -4.02 26.76 -29.75
C GLN A 72 -4.03 25.80 -28.57
N GLU A 73 -4.59 26.25 -27.45
CA GLU A 73 -4.77 25.42 -26.24
C GLU A 73 -5.77 24.28 -26.45
N GLN A 74 -6.94 24.62 -27.00
CA GLN A 74 -7.95 23.62 -27.33
C GLN A 74 -7.39 22.58 -28.26
N VAL A 75 -6.79 23.04 -29.36
CA VAL A 75 -6.18 22.15 -30.36
C VAL A 75 -5.22 21.20 -29.66
N ALA A 76 -4.38 21.74 -28.79
CA ALA A 76 -3.47 20.92 -27.99
C ALA A 76 -4.17 19.77 -27.26
N ASN A 77 -5.39 20.02 -26.77
CA ASN A 77 -6.20 18.99 -26.09
C ASN A 77 -6.69 17.90 -27.01
N ILE A 78 -7.38 18.29 -28.09
CA ILE A 78 -7.89 17.37 -29.08
C ILE A 78 -6.76 16.48 -29.57
N GLN A 79 -5.58 17.08 -29.75
CA GLN A 79 -4.38 16.37 -30.12
C GLN A 79 -4.00 15.31 -29.08
N GLN A 80 -3.92 15.72 -27.81
CA GLN A 80 -3.54 14.85 -26.71
C GLN A 80 -4.59 13.78 -26.47
N GLN A 81 -5.85 14.17 -26.60
CA GLN A 81 -6.97 13.27 -26.37
C GLN A 81 -7.10 12.22 -27.49
N VAL A 82 -6.69 12.58 -28.69
CA VAL A 82 -6.69 11.66 -29.83
C VAL A 82 -5.48 10.74 -29.77
N ALA A 83 -4.33 11.30 -29.39
CA ALA A 83 -3.11 10.51 -29.22
C ALA A 83 -3.32 9.42 -28.18
N GLY A 84 -4.06 9.74 -27.13
CA GLY A 84 -4.40 8.80 -26.07
C GLY A 84 -5.27 7.63 -26.52
N LYS A 85 -6.30 7.93 -27.31
CA LYS A 85 -7.19 6.91 -27.86
C LYS A 85 -6.49 6.10 -28.94
N ARG A 86 -5.66 6.77 -29.75
CA ARG A 86 -4.93 6.12 -30.84
C ARG A 86 -3.91 5.11 -30.31
N SER A 87 -3.14 5.51 -29.32
CA SER A 87 -2.14 4.64 -28.71
C SER A 87 -2.79 3.33 -28.33
N GLU A 88 -3.97 3.41 -27.70
CA GLU A 88 -4.76 2.24 -27.30
C GLU A 88 -5.22 1.38 -28.47
N LEU A 89 -5.71 2.00 -29.53
CA LEU A 89 -6.08 1.24 -30.73
C LEU A 89 -4.89 0.58 -31.44
N GLU A 90 -3.75 1.28 -31.47
CA GLU A 90 -2.51 0.74 -32.05
C GLU A 90 -2.05 -0.52 -31.34
N GLU A 91 -2.22 -0.50 -30.02
CA GLU A 91 -1.91 -1.63 -29.15
C GLU A 91 -2.70 -2.86 -29.58
N GLN A 92 -4.02 -2.69 -29.76
CA GLN A 92 -4.91 -3.78 -30.16
C GLN A 92 -4.56 -4.38 -31.52
N LYS A 93 -4.14 -3.50 -32.43
CA LYS A 93 -3.69 -3.91 -33.75
C LYS A 93 -2.38 -4.70 -33.64
N ARG A 94 -1.46 -4.26 -32.78
CA ARG A 94 -0.25 -5.03 -32.51
C ARG A 94 -0.58 -6.43 -31.99
N ASN A 95 -1.50 -6.51 -31.02
CA ASN A 95 -1.95 -7.78 -30.48
C ASN A 95 -2.47 -8.71 -31.55
N LEU A 96 -3.34 -8.18 -32.41
CA LEU A 96 -3.90 -8.94 -33.51
C LEU A 96 -2.83 -9.41 -34.50
N LEU A 97 -2.04 -8.46 -35.00
CA LEU A 97 -0.92 -8.79 -35.89
C LEU A 97 0.05 -9.79 -35.25
N GLN A 98 0.11 -9.75 -33.92
CA GLN A 98 0.92 -10.66 -33.13
C GLN A 98 0.36 -12.07 -33.22
N GLN A 99 -0.96 -12.20 -33.12
CA GLN A 99 -1.64 -13.51 -33.25
C GLN A 99 -1.52 -14.04 -34.67
N GLN A 100 -1.71 -13.16 -35.64
CA GLN A 100 -1.51 -13.50 -37.04
C GLN A 100 -0.19 -14.26 -37.22
N ALA A 101 0.88 -13.72 -36.66
CA ALA A 101 2.19 -14.37 -36.70
C ALA A 101 2.16 -15.77 -36.08
N GLN A 102 1.60 -15.89 -34.88
CA GLN A 102 1.57 -17.16 -34.14
C GLN A 102 0.81 -18.24 -34.88
N VAL A 103 -0.33 -17.86 -35.47
CA VAL A 103 -1.11 -18.76 -36.32
C VAL A 103 -0.22 -19.31 -37.43
N ARG A 104 0.37 -18.41 -38.21
CA ARG A 104 1.24 -18.79 -39.31
C ARG A 104 2.39 -19.67 -38.84
N GLU A 105 2.77 -19.48 -37.57
CA GLU A 105 3.88 -20.19 -36.94
C GLU A 105 3.53 -21.63 -36.52
N LEU A 106 2.28 -21.84 -36.15
CA LEU A 106 1.84 -23.13 -35.60
C LEU A 106 2.08 -24.30 -36.55
N GLU A 107 2.62 -25.39 -36.00
CA GLU A 107 2.86 -26.59 -36.79
C GLU A 107 1.56 -27.34 -37.02
N MSE A 108 1.39 -27.87 -38.23
CA MSE A 108 0.19 -28.62 -38.58
C MSE A 108 0.05 -29.80 -37.65
O MSE A 108 1.01 -30.51 -37.41
CB MSE A 108 0.30 -29.13 -40.02
CG MSE A 108 -1.00 -29.10 -40.79
SE MSE A 108 -1.84 -27.34 -40.81
CE MSE A 108 -0.40 -26.28 -41.53
N ASP A 109 -1.16 -29.96 -37.10
CA ASP A 109 -1.51 -31.06 -36.16
C ASP A 109 -1.33 -30.77 -34.67
N GLN A 110 -1.05 -29.52 -34.33
CA GLN A 110 -0.90 -29.11 -32.95
C GLN A 110 -2.28 -28.90 -32.34
N ILE A 111 -2.42 -29.16 -31.04
CA ILE A 111 -3.67 -28.87 -30.34
C ILE A 111 -3.54 -27.51 -29.68
N VAL A 112 -4.46 -26.59 -30.01
CA VAL A 112 -4.48 -25.25 -29.40
C VAL A 112 -5.82 -24.90 -28.75
N GLU A 113 -5.86 -23.80 -28.01
CA GLU A 113 -7.09 -23.43 -27.32
C GLU A 113 -8.09 -22.73 -28.23
N GLN A 114 -9.36 -23.04 -28.01
CA GLN A 114 -10.42 -22.48 -28.84
C GLN A 114 -11.41 -21.67 -28.06
N GLY A 115 -11.92 -22.21 -26.97
CA GLY A 115 -12.84 -21.47 -26.15
C GLY A 115 -13.64 -22.34 -25.21
N GLN A 116 -14.92 -22.01 -25.10
CA GLN A 116 -15.78 -22.64 -24.12
C GLN A 116 -17.12 -22.96 -24.76
N LEU A 117 -17.75 -24.04 -24.29
CA LEU A 117 -19.15 -24.26 -24.56
C LEU A 117 -19.82 -24.30 -23.22
N GLU A 118 -21.07 -23.84 -23.15
CA GLU A 118 -21.85 -23.99 -21.92
C GLU A 118 -22.39 -25.42 -21.82
N SER A 119 -22.09 -26.05 -20.69
CA SER A 119 -22.51 -27.42 -20.47
C SER A 119 -23.31 -27.52 -19.19
N SER A 120 -23.66 -28.73 -18.81
CA SER A 120 -24.39 -28.96 -17.57
C SER A 120 -24.26 -30.39 -17.10
N CYS A 121 -23.61 -30.59 -15.98
CA CYS A 121 -23.50 -31.93 -15.39
C CYS A 121 -24.36 -32.04 -14.13
N GLU A 122 -24.19 -33.16 -13.44
CA GLU A 122 -24.88 -33.41 -12.19
C GLU A 122 -23.87 -33.44 -11.06
N ILE A 123 -24.34 -33.18 -9.85
CA ILE A 123 -23.51 -33.23 -8.65
C ILE A 123 -24.29 -33.76 -7.45
N LYS A 124 -23.57 -34.49 -6.60
CA LYS A 124 -24.10 -35.05 -5.36
C LYS A 124 -22.93 -35.15 -4.36
N VAL A 125 -23.24 -35.39 -3.09
CA VAL A 125 -22.23 -35.46 -2.03
C VAL A 125 -21.08 -36.40 -2.36
N GLY A 126 -19.85 -35.92 -2.20
CA GLY A 126 -18.66 -36.72 -2.45
C GLY A 126 -18.01 -36.50 -3.81
N ASP A 127 -18.65 -35.70 -4.66
CA ASP A 127 -18.10 -35.34 -5.95
C ASP A 127 -17.08 -34.19 -5.82
N ASN A 128 -16.12 -34.16 -6.74
CA ASN A 128 -15.16 -33.07 -6.78
C ASN A 128 -15.61 -32.00 -7.75
N LEU A 129 -16.31 -31.01 -7.19
CA LEU A 129 -16.87 -29.90 -7.94
C LEU A 129 -15.85 -29.27 -8.86
N VAL A 130 -14.61 -29.16 -8.38
CA VAL A 130 -13.53 -28.58 -9.20
C VAL A 130 -13.27 -29.46 -10.43
N GLU A 131 -13.22 -30.77 -10.24
CA GLU A 131 -12.97 -31.72 -11.33
C GLU A 131 -14.10 -31.74 -12.36
N LYS A 132 -15.26 -31.20 -12.01
CA LYS A 132 -16.39 -31.14 -12.94
C LYS A 132 -16.45 -29.88 -13.80
N MSE A 133 -15.73 -28.83 -13.41
CA MSE A 133 -15.60 -27.64 -14.27
C MSE A 133 -14.41 -27.78 -15.24
O MSE A 133 -14.04 -26.80 -15.91
CB MSE A 133 -15.43 -26.34 -13.45
CG MSE A 133 -16.05 -26.31 -12.05
SE MSE A 133 -17.98 -26.24 -12.02
CE MSE A 133 -18.26 -24.38 -12.48
N GLN A 134 -13.83 -28.97 -15.30
CA GLN A 134 -12.55 -29.17 -15.99
C GLN A 134 -12.59 -30.16 -17.14
N VAL A 135 -13.77 -30.33 -17.73
CA VAL A 135 -13.89 -31.21 -18.87
C VAL A 135 -13.45 -30.47 -20.15
N ALA A 136 -12.75 -31.19 -21.04
CA ALA A 136 -12.24 -30.60 -22.29
C ALA A 136 -12.50 -31.49 -23.48
N ILE A 137 -12.76 -30.88 -24.64
CA ILE A 137 -12.93 -31.66 -25.88
C ILE A 137 -11.98 -31.22 -26.96
N VAL A 138 -11.57 -32.16 -27.79
CA VAL A 138 -10.61 -31.86 -28.85
C VAL A 138 -11.28 -32.05 -30.20
N VAL A 139 -11.31 -30.98 -30.98
CA VAL A 139 -11.98 -30.99 -32.27
C VAL A 139 -11.03 -30.76 -33.45
N ARG A 140 -11.12 -31.65 -34.44
CA ARG A 140 -10.36 -31.54 -35.67
C ARG A 140 -11.38 -31.30 -36.77
N ASP A 141 -11.26 -30.16 -37.45
CA ASP A 141 -12.20 -29.75 -38.50
C ASP A 141 -13.64 -30.15 -38.22
N GLY A 142 -14.13 -29.81 -37.03
CA GLY A 142 -15.55 -29.99 -36.70
C GLY A 142 -15.88 -31.30 -36.02
N VAL A 143 -15.02 -32.30 -36.19
CA VAL A 143 -15.24 -33.65 -35.62
C VAL A 143 -14.60 -33.78 -34.24
N ILE A 144 -15.35 -34.31 -33.28
CA ILE A 144 -14.84 -34.47 -31.93
C ILE A 144 -13.92 -35.69 -31.81
N GLN A 145 -12.64 -35.46 -31.50
CA GLN A 145 -11.67 -36.56 -31.35
C GLN A 145 -11.65 -37.22 -29.98
N SER A 146 -11.89 -36.47 -28.90
CA SER A 146 -11.78 -37.06 -27.56
C SER A 146 -12.34 -36.18 -26.45
N ILE A 147 -12.31 -36.70 -25.23
CA ILE A 147 -12.83 -35.97 -24.07
C ILE A 147 -11.86 -36.12 -22.90
N GLU A 148 -11.10 -35.05 -22.64
CA GLU A 148 -9.98 -35.09 -21.70
C GLU A 148 -10.32 -34.43 -20.36
N GLU A 149 -9.26 -33.94 -19.69
CA GLU A 149 -9.34 -33.03 -18.55
C GLU A 149 -8.22 -31.99 -18.61
N ASN B 2 -4.75 -36.65 -20.44
CA ASN B 2 -5.43 -37.98 -20.24
C ASN B 2 -6.95 -37.97 -20.50
N ALA B 3 -7.42 -39.03 -21.14
CA ALA B 3 -8.78 -39.10 -21.69
C ALA B 3 -9.82 -39.76 -20.77
N MSE B 4 -11.08 -39.60 -21.15
CA MSE B 4 -12.21 -40.31 -20.53
C MSE B 4 -12.69 -41.35 -21.53
O MSE B 4 -12.14 -41.43 -22.64
CB MSE B 4 -13.31 -39.32 -20.14
CG MSE B 4 -12.92 -38.39 -18.99
SE MSE B 4 -14.00 -36.76 -18.80
CE MSE B 4 -15.69 -37.57 -18.24
N SER B 5 -13.69 -42.14 -21.16
CA SER B 5 -14.29 -43.11 -22.08
C SER B 5 -14.84 -42.39 -23.34
N ASP B 6 -14.84 -43.09 -24.47
CA ASP B 6 -15.56 -42.60 -25.66
C ASP B 6 -17.07 -42.79 -25.45
N GLY B 7 -17.43 -43.44 -24.33
CA GLY B 7 -18.82 -43.63 -23.94
C GLY B 7 -19.40 -42.37 -23.32
N THR B 8 -18.50 -41.47 -22.92
CA THR B 8 -18.85 -40.22 -22.27
C THR B 8 -19.72 -39.35 -23.16
N ILE B 9 -20.90 -39.02 -22.66
CA ILE B 9 -21.85 -38.15 -23.37
C ILE B 9 -21.98 -36.81 -22.66
N LEU B 10 -21.60 -35.74 -23.36
CA LEU B 10 -21.68 -34.40 -22.81
C LEU B 10 -22.90 -33.67 -23.36
N THR B 11 -23.49 -32.81 -22.55
CA THR B 11 -24.61 -32.00 -23.00
C THR B 11 -24.14 -30.56 -23.09
N ILE B 12 -24.20 -29.99 -24.30
CA ILE B 12 -23.78 -28.62 -24.53
C ILE B 12 -25.00 -27.78 -24.88
N LYS B 13 -24.78 -26.47 -25.00
CA LYS B 13 -25.82 -25.54 -25.39
C LYS B 13 -25.63 -25.15 -26.87
N ARG B 14 -26.73 -25.11 -27.62
CA ARG B 14 -26.67 -24.82 -29.06
C ARG B 14 -27.91 -24.04 -29.51
N PRO B 15 -27.76 -23.20 -30.55
CA PRO B 15 -28.91 -22.46 -31.05
C PRO B 15 -29.80 -23.33 -31.94
N ILE B 16 -31.09 -23.02 -32.00
CA ILE B 16 -32.01 -23.62 -32.95
C ILE B 16 -32.53 -22.52 -33.87
N THR B 17 -32.60 -22.81 -35.16
CA THR B 17 -33.10 -21.84 -36.10
C THR B 17 -34.59 -22.04 -36.31
N VAL B 18 -35.35 -20.95 -36.25
CA VAL B 18 -36.78 -21.02 -36.52
C VAL B 18 -37.02 -20.50 -37.93
N ARG B 19 -37.60 -21.34 -38.79
CA ARG B 19 -38.03 -20.91 -40.11
C ARG B 19 -39.57 -20.86 -40.14
N ALA B 20 -40.14 -19.88 -40.83
CA ALA B 20 -41.61 -19.79 -40.94
C ALA B 20 -42.10 -20.06 -42.35
N VAL B 21 -43.20 -20.81 -42.42
CA VAL B 21 -43.93 -20.97 -43.67
C VAL B 21 -44.70 -19.68 -43.89
N VAL B 22 -44.62 -19.14 -45.10
CA VAL B 22 -45.35 -17.90 -45.38
C VAL B 22 -46.86 -18.14 -45.45
N THR B 23 -47.56 -17.56 -44.48
CA THR B 23 -49.01 -17.57 -44.44
C THR B 23 -49.47 -16.12 -44.41
N PRO B 24 -50.75 -15.87 -44.72
CA PRO B 24 -51.23 -14.50 -44.67
C PRO B 24 -51.16 -13.94 -43.24
N THR B 25 -51.57 -14.72 -42.25
CA THR B 25 -51.48 -14.29 -40.85
C THR B 25 -50.05 -13.84 -40.57
N TRP B 26 -49.10 -14.60 -41.09
CA TRP B 26 -47.70 -14.34 -40.80
C TRP B 26 -47.22 -13.06 -41.42
N LYS B 27 -47.60 -12.84 -42.68
CA LYS B 27 -47.19 -11.64 -43.42
C LYS B 27 -47.64 -10.34 -42.73
N GLU B 28 -48.89 -10.28 -42.28
CA GLU B 28 -49.41 -9.12 -41.55
C GLU B 28 -48.52 -8.83 -40.36
N GLU B 29 -48.41 -9.81 -39.47
CA GLU B 29 -47.60 -9.71 -38.26
C GLU B 29 -46.21 -9.19 -38.60
N ALA B 30 -45.63 -9.73 -39.68
CA ALA B 30 -44.29 -9.35 -40.12
C ALA B 30 -44.24 -7.87 -40.46
N GLU B 31 -45.11 -7.44 -41.37
CA GLU B 31 -45.14 -6.06 -41.84
C GLU B 31 -45.41 -5.08 -40.71
N ARG B 32 -46.39 -5.40 -39.87
CA ARG B 32 -46.74 -4.57 -38.71
C ARG B 32 -45.52 -4.33 -37.82
N GLU B 33 -44.73 -5.38 -37.58
CA GLU B 33 -43.52 -5.24 -36.79
C GLU B 33 -42.52 -4.32 -37.45
N ILE B 34 -42.10 -4.69 -38.66
CA ILE B 34 -41.17 -3.92 -39.49
C ILE B 34 -41.59 -2.46 -39.50
N SER B 35 -42.85 -2.23 -39.83
CA SER B 35 -43.38 -0.88 -39.96
C SER B 35 -43.18 -0.05 -38.69
N ASN B 36 -43.57 -0.59 -37.54
CA ASN B 36 -43.36 0.10 -36.27
C ASN B 36 -41.89 0.41 -36.01
N GLY B 37 -41.01 -0.48 -36.44
CA GLY B 37 -39.57 -0.24 -36.36
C GLY B 37 -39.17 0.99 -37.18
N ILE B 38 -39.61 1.03 -38.45
CA ILE B 38 -39.40 2.18 -39.31
C ILE B 38 -39.88 3.44 -38.58
N ALA B 39 -41.14 3.42 -38.14
CA ALA B 39 -41.76 4.58 -37.51
C ALA B 39 -41.05 4.99 -36.23
N ASN B 40 -40.72 4.00 -35.40
CA ASN B 40 -40.02 4.24 -34.16
C ASN B 40 -38.65 4.90 -34.39
N ALA B 41 -37.96 4.43 -35.43
CA ALA B 41 -36.67 5.00 -35.82
C ALA B 41 -36.83 6.46 -36.21
N ASP B 42 -37.69 6.70 -37.21
CA ASP B 42 -38.00 8.06 -37.65
C ASP B 42 -38.27 8.98 -36.46
N GLN B 43 -39.06 8.49 -35.50
CA GLN B 43 -39.44 9.29 -34.35
C GLN B 43 -38.23 9.63 -33.50
N GLN B 44 -37.37 8.65 -33.27
CA GLN B 44 -36.16 8.90 -32.52
C GLN B 44 -35.26 9.94 -33.19
N LEU B 45 -35.04 9.78 -34.49
CA LEU B 45 -34.27 10.74 -35.27
C LEU B 45 -34.77 12.15 -35.10
N ALA B 46 -36.09 12.31 -35.09
CA ALA B 46 -36.70 13.62 -34.87
C ALA B 46 -36.45 14.13 -33.46
N GLN B 47 -36.42 13.23 -32.48
CA GLN B 47 -36.21 13.64 -31.10
C GLN B 47 -34.74 13.96 -30.87
N LEU B 48 -33.86 13.17 -31.48
CA LEU B 48 -32.42 13.40 -31.44
C LEU B 48 -32.04 14.80 -31.91
N GLU B 49 -32.68 15.26 -32.98
CA GLU B 49 -32.37 16.57 -33.55
C GLU B 49 -32.85 17.71 -32.65
N GLN B 50 -33.98 17.51 -31.98
CA GLN B 50 -34.49 18.50 -31.05
C GLN B 50 -33.63 18.54 -29.80
N GLU B 51 -33.28 17.35 -29.30
CA GLU B 51 -32.43 17.23 -28.12
C GLU B 51 -31.06 17.87 -28.39
N GLY B 52 -30.57 17.70 -29.62
CA GLY B 52 -29.30 18.27 -30.04
C GLY B 52 -29.30 19.78 -29.99
N GLN B 53 -30.29 20.41 -30.62
CA GLN B 53 -30.39 21.86 -30.67
C GLN B 53 -30.49 22.50 -29.29
N THR B 54 -31.33 21.93 -28.43
CA THR B 54 -31.55 22.47 -27.09
C THR B 54 -30.28 22.46 -26.23
N VAL B 55 -29.57 21.33 -26.23
CA VAL B 55 -28.31 21.18 -25.50
C VAL B 55 -27.25 22.18 -25.99
N VAL B 56 -27.23 22.42 -27.30
CA VAL B 56 -26.34 23.43 -27.88
C VAL B 56 -26.70 24.84 -27.38
N ASP B 57 -27.98 25.13 -27.22
CA ASP B 57 -28.42 26.44 -26.73
C ASP B 57 -28.02 26.73 -25.28
N GLN B 58 -27.98 25.68 -24.46
CA GLN B 58 -27.57 25.78 -23.05
C GLN B 58 -26.10 26.17 -22.96
N VAL B 59 -25.27 25.44 -23.71
CA VAL B 59 -23.81 25.62 -23.70
C VAL B 59 -23.40 27.02 -24.16
N ARG B 60 -24.13 27.57 -25.13
CA ARG B 60 -23.89 28.93 -25.61
C ARG B 60 -24.01 29.97 -24.49
N ARG B 61 -24.96 29.74 -23.59
CA ARG B 61 -25.16 30.61 -22.43
C ARG B 61 -24.10 30.45 -21.34
N GLN B 62 -22.84 30.27 -21.74
CA GLN B 62 -21.72 30.21 -20.81
C GLN B 62 -20.84 31.44 -20.95
N SER B 63 -20.67 31.89 -22.19
CA SER B 63 -19.81 33.02 -22.49
C SER B 63 -20.56 34.10 -23.25
N ALA B 64 -20.31 35.35 -22.87
CA ALA B 64 -20.82 36.51 -23.60
C ALA B 64 -20.15 36.60 -24.97
N ASN B 65 -18.95 36.03 -25.05
CA ASN B 65 -18.23 35.93 -26.31
C ASN B 65 -18.72 34.73 -27.11
N PRO B 66 -19.25 34.99 -28.31
CA PRO B 66 -19.77 33.91 -29.15
C PRO B 66 -18.65 33.13 -29.81
N LEU B 67 -17.42 33.63 -29.71
CA LEU B 67 -16.27 33.00 -30.35
C LEU B 67 -15.40 32.21 -29.38
N ASP B 68 -15.83 32.13 -28.12
CA ASP B 68 -15.08 31.44 -27.06
C ASP B 68 -14.80 29.97 -27.42
N PRO B 69 -13.50 29.62 -27.52
CA PRO B 69 -13.02 28.29 -27.93
C PRO B 69 -13.47 27.11 -27.06
N ARG B 70 -13.55 27.28 -25.73
CA ARG B 70 -14.07 26.21 -24.85
C ARG B 70 -15.48 25.79 -25.28
N VAL B 71 -16.33 26.79 -25.52
CA VAL B 71 -17.70 26.60 -25.97
C VAL B 71 -17.74 25.93 -27.34
N GLN B 72 -17.06 26.56 -28.29
CA GLN B 72 -17.07 26.09 -29.66
C GLN B 72 -16.68 24.62 -29.82
N GLU B 73 -15.78 24.15 -28.96
CA GLU B 73 -15.36 22.74 -29.00
C GLU B 73 -16.46 21.82 -28.48
N GLN B 74 -17.16 22.24 -27.43
CA GLN B 74 -18.26 21.48 -26.88
C GLN B 74 -19.33 21.29 -27.94
N VAL B 75 -19.71 22.40 -28.59
CA VAL B 75 -20.69 22.38 -29.67
C VAL B 75 -20.25 21.35 -30.74
N ALA B 76 -19.02 21.49 -31.22
CA ALA B 76 -18.48 20.55 -32.19
C ALA B 76 -18.65 19.11 -31.72
N ASN B 77 -18.35 18.86 -30.44
CA ASN B 77 -18.55 17.53 -29.84
C ASN B 77 -20.02 17.10 -29.84
N ILE B 78 -20.91 18.01 -29.42
CA ILE B 78 -22.35 17.76 -29.48
C ILE B 78 -22.72 17.29 -30.89
N GLN B 79 -22.44 18.16 -31.86
CA GLN B 79 -22.81 17.90 -33.25
C GLN B 79 -22.18 16.61 -33.78
N GLN B 80 -20.91 16.39 -33.45
CA GLN B 80 -20.22 15.15 -33.83
C GLN B 80 -20.91 13.93 -33.22
N GLN B 81 -21.43 14.10 -32.01
CA GLN B 81 -22.14 13.05 -31.29
C GLN B 81 -23.50 12.82 -31.97
N VAL B 82 -24.20 13.92 -32.25
CA VAL B 82 -25.50 13.86 -32.90
C VAL B 82 -25.39 13.24 -34.29
N ALA B 83 -24.47 13.76 -35.11
CA ALA B 83 -24.27 13.26 -36.46
C ALA B 83 -24.03 11.74 -36.50
N GLY B 84 -23.11 11.26 -35.66
CA GLY B 84 -22.76 9.85 -35.61
C GLY B 84 -23.89 8.97 -35.11
N LYS B 85 -24.72 9.53 -34.24
CA LYS B 85 -25.89 8.85 -33.69
C LYS B 85 -27.00 8.78 -34.74
N ARG B 86 -27.29 9.93 -35.34
CA ARG B 86 -28.20 10.00 -36.48
C ARG B 86 -27.79 8.96 -37.51
N SER B 87 -26.55 9.07 -38.00
CA SER B 87 -26.01 8.12 -38.98
C SER B 87 -26.33 6.64 -38.69
N GLU B 88 -26.37 6.30 -37.41
CA GLU B 88 -26.58 4.94 -36.96
C GLU B 88 -28.05 4.54 -37.09
N LEU B 89 -28.94 5.38 -36.56
CA LEU B 89 -30.38 5.16 -36.67
C LEU B 89 -30.77 5.12 -38.14
N GLU B 90 -30.22 6.05 -38.91
CA GLU B 90 -30.48 6.11 -40.34
C GLU B 90 -30.10 4.78 -41.02
N GLU B 91 -29.18 4.02 -40.44
CA GLU B 91 -28.83 2.72 -41.01
C GLU B 91 -29.75 1.59 -40.56
N GLN B 92 -30.24 1.64 -39.33
CA GLN B 92 -31.21 0.66 -38.88
C GLN B 92 -32.41 0.74 -39.80
N LYS B 93 -32.90 1.97 -39.99
CA LYS B 93 -34.05 2.29 -40.83
C LYS B 93 -33.87 1.76 -42.23
N ARG B 94 -32.68 1.94 -42.77
CA ARG B 94 -32.30 1.37 -44.07
C ARG B 94 -32.57 -0.14 -44.12
N ASN B 95 -32.07 -0.87 -43.13
CA ASN B 95 -32.24 -2.33 -43.04
C ASN B 95 -33.69 -2.71 -42.96
N LEU B 96 -34.42 -1.97 -42.15
CA LEU B 96 -35.83 -2.24 -41.97
C LEU B 96 -36.60 -2.04 -43.28
N LEU B 97 -36.28 -0.98 -44.01
CA LEU B 97 -36.94 -0.74 -45.29
C LEU B 97 -36.67 -1.86 -46.27
N GLN B 98 -35.42 -2.28 -46.33
CA GLN B 98 -35.06 -3.41 -47.17
C GLN B 98 -35.84 -4.67 -46.75
N GLN B 99 -35.91 -4.93 -45.44
CA GLN B 99 -36.69 -6.06 -44.92
C GLN B 99 -38.15 -5.94 -45.34
N GLN B 100 -38.67 -4.72 -45.27
CA GLN B 100 -40.04 -4.45 -45.65
C GLN B 100 -40.30 -4.89 -47.09
N ALA B 101 -39.49 -4.38 -48.02
CA ALA B 101 -39.62 -4.77 -49.43
C ALA B 101 -39.51 -6.28 -49.57
N GLN B 102 -38.50 -6.87 -48.93
CA GLN B 102 -38.25 -8.30 -48.94
C GLN B 102 -39.48 -9.10 -48.49
N VAL B 103 -40.09 -8.64 -47.39
CA VAL B 103 -41.26 -9.29 -46.84
C VAL B 103 -42.44 -9.18 -47.79
N ARG B 104 -42.80 -7.96 -48.15
CA ARG B 104 -43.92 -7.72 -49.07
C ARG B 104 -43.83 -8.55 -50.33
N GLU B 105 -42.62 -8.72 -50.84
CA GLU B 105 -42.38 -9.46 -52.08
C GLU B 105 -42.38 -10.99 -51.89
N LEU B 106 -42.86 -11.47 -50.74
CA LEU B 106 -42.94 -12.91 -50.46
C LEU B 106 -44.27 -13.54 -50.86
N GLU B 107 -44.20 -14.78 -51.36
CA GLU B 107 -45.37 -15.54 -51.76
C GLU B 107 -45.75 -16.56 -50.70
N MSE B 108 -47.02 -16.93 -50.67
CA MSE B 108 -47.53 -17.97 -49.76
C MSE B 108 -46.75 -19.27 -49.94
O MSE B 108 -46.31 -19.61 -51.05
CB MSE B 108 -49.02 -18.24 -50.00
CG MSE B 108 -49.94 -17.05 -49.79
SE MSE B 108 -49.75 -16.21 -48.04
CE MSE B 108 -48.68 -14.68 -48.55
N ASP B 109 -46.57 -19.98 -48.83
CA ASP B 109 -45.89 -21.30 -48.83
C ASP B 109 -44.38 -21.27 -49.09
N GLN B 110 -43.81 -20.07 -49.24
CA GLN B 110 -42.37 -19.92 -49.19
C GLN B 110 -41.90 -20.09 -47.75
N ILE B 111 -40.62 -20.39 -47.57
CA ILE B 111 -40.08 -20.62 -46.24
C ILE B 111 -38.98 -19.63 -45.90
N VAL B 112 -39.10 -18.98 -44.74
CA VAL B 112 -38.23 -17.87 -44.38
C VAL B 112 -37.55 -18.06 -43.02
N GLU B 113 -36.31 -17.57 -42.92
CA GLU B 113 -35.64 -17.41 -41.63
C GLU B 113 -36.47 -16.55 -40.71
N GLN B 114 -36.42 -16.84 -39.41
CA GLN B 114 -37.16 -16.07 -38.42
C GLN B 114 -36.55 -16.28 -37.04
N GLY B 115 -35.29 -15.89 -36.88
CA GLY B 115 -34.65 -15.91 -35.57
C GLY B 115 -34.21 -17.26 -35.01
N GLN B 116 -33.76 -17.24 -33.76
CA GLN B 116 -33.09 -18.37 -33.10
C GLN B 116 -33.67 -18.64 -31.72
N LEU B 117 -33.56 -19.89 -31.25
CA LEU B 117 -33.92 -20.23 -29.88
C LEU B 117 -32.78 -20.97 -29.21
N GLU B 118 -32.54 -20.67 -27.94
CA GLU B 118 -31.53 -21.41 -27.21
C GLU B 118 -32.03 -22.84 -27.00
N SER B 119 -31.14 -23.79 -27.28
CA SER B 119 -31.41 -25.21 -27.12
C SER B 119 -30.20 -25.88 -26.49
N SER B 120 -30.31 -27.20 -26.34
CA SER B 120 -29.21 -27.99 -25.81
C SER B 120 -29.23 -29.34 -26.52
N CYS B 121 -28.17 -30.11 -26.39
CA CYS B 121 -28.07 -31.43 -27.03
C CYS B 121 -26.82 -32.19 -26.57
N GLU B 122 -26.74 -33.46 -26.97
CA GLU B 122 -25.68 -34.34 -26.51
C GLU B 122 -24.65 -34.55 -27.62
N ILE B 123 -23.40 -34.61 -27.21
CA ILE B 123 -22.30 -34.83 -28.13
C ILE B 123 -21.39 -35.92 -27.58
N LYS B 124 -20.81 -36.70 -28.47
CA LYS B 124 -19.87 -37.74 -28.10
C LYS B 124 -18.78 -37.80 -29.15
N VAL B 125 -17.67 -38.46 -28.82
CA VAL B 125 -16.56 -38.62 -29.73
C VAL B 125 -17.07 -39.09 -31.07
N GLY B 126 -16.61 -38.46 -32.15
CA GLY B 126 -17.05 -38.84 -33.47
C GLY B 126 -18.11 -37.93 -34.03
N ASP B 127 -18.92 -37.36 -33.13
CA ASP B 127 -19.92 -36.36 -33.51
C ASP B 127 -19.31 -35.18 -34.24
N ASN B 128 -20.14 -34.56 -35.08
CA ASN B 128 -19.77 -33.33 -35.75
C ASN B 128 -20.37 -32.11 -35.07
N LEU B 129 -19.53 -31.40 -34.33
CA LEU B 129 -19.94 -30.27 -33.53
C LEU B 129 -20.63 -29.20 -34.35
N VAL B 130 -20.18 -29.04 -35.59
CA VAL B 130 -20.68 -27.98 -36.45
C VAL B 130 -22.09 -28.29 -36.93
N GLU B 131 -22.36 -29.56 -37.21
CA GLU B 131 -23.67 -29.97 -37.66
C GLU B 131 -24.67 -29.95 -36.52
N LYS B 132 -24.18 -30.21 -35.30
CA LYS B 132 -24.97 -30.05 -34.07
C LYS B 132 -25.51 -28.62 -33.88
N MSE B 133 -24.77 -27.63 -34.37
CA MSE B 133 -25.18 -26.22 -34.26
C MSE B 133 -26.10 -25.79 -35.41
O MSE B 133 -26.28 -24.59 -35.66
CB MSE B 133 -23.94 -25.30 -34.23
CG MSE B 133 -22.77 -25.81 -33.42
SE MSE B 133 -23.00 -25.64 -31.49
CE MSE B 133 -22.46 -23.77 -31.35
N GLN B 134 -26.67 -26.74 -36.14
CA GLN B 134 -27.34 -26.39 -37.39
C GLN B 134 -28.73 -26.96 -37.54
N VAL B 135 -29.34 -27.33 -36.43
CA VAL B 135 -30.72 -27.79 -36.47
C VAL B 135 -31.69 -26.61 -36.64
N ALA B 136 -32.69 -26.79 -37.48
CA ALA B 136 -33.76 -25.80 -37.66
C ALA B 136 -35.13 -26.43 -37.56
N ILE B 137 -36.13 -25.66 -37.12
CA ILE B 137 -37.52 -26.10 -37.11
C ILE B 137 -38.36 -25.21 -38.04
N VAL B 138 -39.37 -25.81 -38.65
CA VAL B 138 -40.26 -25.10 -39.57
C VAL B 138 -41.63 -24.91 -38.93
N VAL B 139 -42.03 -23.64 -38.80
CA VAL B 139 -43.30 -23.26 -38.17
C VAL B 139 -44.30 -22.74 -39.21
N ARG B 140 -45.54 -23.19 -39.06
CA ARG B 140 -46.65 -22.70 -39.87
C ARG B 140 -47.75 -22.25 -38.91
N ASP B 141 -48.00 -20.95 -38.90
CA ASP B 141 -48.97 -20.34 -37.99
C ASP B 141 -48.84 -20.90 -36.58
N GLY B 142 -47.61 -20.92 -36.08
CA GLY B 142 -47.36 -21.36 -34.71
C GLY B 142 -47.20 -22.87 -34.50
N VAL B 143 -47.39 -23.66 -35.56
CA VAL B 143 -47.34 -25.12 -35.41
C VAL B 143 -46.10 -25.73 -36.03
N ILE B 144 -45.45 -26.63 -35.31
CA ILE B 144 -44.23 -27.27 -35.83
C ILE B 144 -44.50 -28.21 -37.01
N GLN B 145 -44.19 -27.69 -38.20
CA GLN B 145 -44.27 -28.42 -39.45
C GLN B 145 -43.26 -29.56 -39.48
N SER B 146 -42.00 -29.29 -39.10
CA SER B 146 -40.95 -30.32 -39.16
C SER B 146 -39.63 -29.88 -38.55
N ILE B 147 -38.78 -30.86 -38.25
CA ILE B 147 -37.42 -30.62 -37.77
C ILE B 147 -36.43 -30.90 -38.89
N GLU B 148 -35.47 -30.00 -39.07
CA GLU B 148 -34.46 -30.11 -40.13
C GLU B 148 -33.06 -30.14 -39.51
N GLU B 149 -32.14 -30.88 -40.14
CA GLU B 149 -30.78 -31.05 -39.59
C GLU B 149 -29.62 -30.68 -40.54
N ASN C 2 -32.61 -31.41 -42.96
CA ASN C 2 -33.39 -32.24 -43.92
C ASN C 2 -34.05 -33.43 -43.21
N ALA C 3 -35.37 -33.57 -43.39
CA ALA C 3 -36.19 -34.62 -42.77
C ALA C 3 -35.52 -35.42 -41.64
N MSE C 4 -35.63 -34.89 -40.41
CA MSE C 4 -35.00 -35.50 -39.22
C MSE C 4 -35.82 -36.65 -38.63
O MSE C 4 -37.02 -36.49 -38.35
CB MSE C 4 -34.73 -34.42 -38.14
CG MSE C 4 -33.87 -34.89 -36.95
SE MSE C 4 -32.70 -33.51 -36.18
CE MSE C 4 -31.99 -34.44 -34.61
N SER C 5 -35.16 -37.80 -38.47
CA SER C 5 -35.76 -39.08 -38.02
C SER C 5 -37.05 -38.95 -37.17
N ASP C 6 -38.18 -39.06 -37.87
CA ASP C 6 -39.56 -38.89 -37.35
C ASP C 6 -39.80 -38.47 -35.89
N GLY C 7 -39.39 -39.30 -34.93
CA GLY C 7 -39.69 -39.06 -33.52
C GLY C 7 -38.86 -38.04 -32.76
N THR C 8 -38.05 -37.25 -33.49
CA THR C 8 -37.11 -36.29 -32.87
C THR C 8 -37.79 -35.31 -31.91
N ILE C 9 -37.20 -35.19 -30.72
CA ILE C 9 -37.68 -34.26 -29.68
C ILE C 9 -36.56 -33.27 -29.36
N LEU C 10 -36.89 -31.98 -29.32
CA LEU C 10 -35.89 -30.94 -29.02
C LEU C 10 -36.19 -30.23 -27.73
N THR C 11 -35.13 -29.80 -27.06
CA THR C 11 -35.22 -29.00 -25.83
C THR C 11 -34.94 -27.54 -26.14
N ILE C 12 -35.79 -26.65 -25.66
CA ILE C 12 -35.59 -25.21 -25.86
C ILE C 12 -35.77 -24.41 -24.56
N LYS C 13 -35.19 -23.21 -24.51
CA LYS C 13 -35.40 -22.27 -23.41
C LYS C 13 -36.71 -21.54 -23.62
N ARG C 14 -37.43 -21.33 -22.53
CA ARG C 14 -38.77 -20.76 -22.57
C ARG C 14 -39.00 -19.88 -21.34
N PRO C 15 -39.51 -18.66 -21.56
CA PRO C 15 -39.83 -17.79 -20.42
C PRO C 15 -41.15 -18.17 -19.75
N ILE C 16 -41.15 -18.19 -18.43
CA ILE C 16 -42.37 -18.40 -17.68
C ILE C 16 -42.80 -17.09 -17.02
N THR C 17 -44.08 -16.75 -17.17
CA THR C 17 -44.61 -15.57 -16.49
C THR C 17 -45.01 -15.96 -15.07
N VAL C 18 -44.57 -15.19 -14.09
CA VAL C 18 -44.96 -15.44 -12.71
C VAL C 18 -45.98 -14.42 -12.27
N ARG C 19 -47.15 -14.89 -11.90
CA ARG C 19 -48.20 -14.01 -11.40
C ARG C 19 -48.41 -14.26 -9.91
N ALA C 20 -48.96 -13.27 -9.23
CA ALA C 20 -49.22 -13.37 -7.79
C ALA C 20 -50.70 -13.16 -7.48
N VAL C 21 -51.17 -13.87 -6.45
CA VAL C 21 -52.49 -13.63 -5.90
C VAL C 21 -52.35 -12.52 -4.88
N VAL C 22 -53.20 -11.50 -4.98
CA VAL C 22 -53.13 -10.37 -4.06
C VAL C 22 -53.68 -10.75 -2.67
N THR C 23 -52.75 -10.96 -1.75
CA THR C 23 -53.07 -11.42 -0.40
C THR C 23 -52.62 -10.36 0.61
N PRO C 24 -53.26 -10.31 1.79
CA PRO C 24 -52.83 -9.42 2.86
C PRO C 24 -51.32 -9.38 3.08
N THR C 25 -50.71 -10.55 3.35
CA THR C 25 -49.26 -10.63 3.62
C THR C 25 -48.37 -10.33 2.40
N TRP C 26 -48.98 -10.30 1.22
CA TRP C 26 -48.27 -9.85 0.02
C TRP C 26 -48.22 -8.36 -0.02
N LYS C 27 -49.36 -7.73 0.28
CA LYS C 27 -49.44 -6.27 0.32
C LYS C 27 -48.47 -5.66 1.32
N GLU C 28 -48.45 -6.22 2.53
CA GLU C 28 -47.53 -5.74 3.57
C GLU C 28 -46.07 -6.02 3.23
N GLU C 29 -45.84 -6.76 2.14
CA GLU C 29 -44.50 -6.97 1.60
C GLU C 29 -44.19 -6.01 0.46
N ALA C 30 -45.16 -5.81 -0.42
CA ALA C 30 -45.06 -4.81 -1.49
C ALA C 30 -44.88 -3.43 -0.88
N GLU C 31 -45.78 -3.07 0.05
CA GLU C 31 -45.77 -1.77 0.71
C GLU C 31 -44.38 -1.43 1.26
N ARG C 32 -43.85 -2.31 2.11
CA ARG C 32 -42.55 -2.11 2.75
C ARG C 32 -41.44 -1.91 1.71
N GLU C 33 -41.43 -2.78 0.70
CA GLU C 33 -40.39 -2.74 -0.31
C GLU C 33 -40.50 -1.50 -1.19
N ILE C 34 -41.72 -1.19 -1.63
CA ILE C 34 -41.99 0.05 -2.38
C ILE C 34 -41.48 1.28 -1.62
N SER C 35 -41.89 1.38 -0.35
CA SER C 35 -41.53 2.49 0.53
C SER C 35 -40.02 2.70 0.62
N ASN C 36 -39.28 1.63 0.91
CA ASN C 36 -37.82 1.71 1.01
C ASN C 36 -37.18 2.19 -0.30
N GLY C 37 -37.82 1.90 -1.41
CA GLY C 37 -37.37 2.38 -2.71
C GLY C 37 -37.57 3.88 -2.86
N ILE C 38 -38.73 4.36 -2.43
CA ILE C 38 -39.08 5.79 -2.47
C ILE C 38 -38.23 6.61 -1.48
N ALA C 39 -38.25 6.19 -0.22
CA ALA C 39 -37.40 6.79 0.81
C ALA C 39 -35.96 6.86 0.36
N ASN C 40 -35.48 5.79 -0.26
CA ASN C 40 -34.10 5.72 -0.73
C ASN C 40 -33.88 6.39 -2.08
N ALA C 41 -34.96 6.83 -2.72
CA ALA C 41 -34.86 7.63 -3.94
C ALA C 41 -34.79 9.10 -3.58
N ASP C 42 -35.64 9.51 -2.64
CA ASP C 42 -35.64 10.88 -2.14
C ASP C 42 -34.33 11.21 -1.44
N GLN C 43 -33.77 10.22 -0.75
CA GLN C 43 -32.52 10.41 -0.02
C GLN C 43 -31.35 10.56 -0.99
N GLN C 44 -31.38 9.78 -2.06
CA GLN C 44 -30.37 9.92 -3.10
C GLN C 44 -30.42 11.29 -3.75
N LEU C 45 -31.63 11.86 -3.86
CA LEU C 45 -31.82 13.19 -4.43
C LEU C 45 -31.20 14.31 -3.59
N ALA C 46 -31.43 14.26 -2.28
CA ALA C 46 -30.89 15.28 -1.36
C ALA C 46 -29.36 15.30 -1.40
N GLN C 47 -28.75 14.12 -1.44
CA GLN C 47 -27.29 13.99 -1.51
C GLN C 47 -26.75 14.45 -2.86
N LEU C 48 -27.57 14.35 -3.90
CA LEU C 48 -27.23 14.82 -5.23
C LEU C 48 -27.11 16.35 -5.25
N GLU C 49 -28.14 17.00 -4.73
CA GLU C 49 -28.20 18.45 -4.68
C GLU C 49 -27.08 18.99 -3.83
N GLN C 50 -26.92 18.43 -2.62
CA GLN C 50 -25.84 18.77 -1.71
C GLN C 50 -24.47 18.63 -2.39
N GLU C 51 -24.19 17.45 -2.91
CA GLU C 51 -22.90 17.11 -3.50
C GLU C 51 -22.55 18.02 -4.67
N GLY C 52 -23.55 18.38 -5.48
CA GLY C 52 -23.39 19.31 -6.58
C GLY C 52 -23.04 20.70 -6.07
N GLN C 53 -23.83 21.17 -5.10
CA GLN C 53 -23.58 22.43 -4.42
C GLN C 53 -22.13 22.52 -3.94
N THR C 54 -21.70 21.51 -3.19
CA THR C 54 -20.33 21.45 -2.67
C THR C 54 -19.32 21.67 -3.79
N VAL C 55 -19.43 20.90 -4.86
CA VAL C 55 -18.49 20.95 -5.98
C VAL C 55 -18.51 22.32 -6.69
N VAL C 56 -19.68 22.96 -6.75
CA VAL C 56 -19.79 24.29 -7.32
C VAL C 56 -18.96 25.29 -6.50
N ASP C 57 -19.16 25.33 -5.19
CA ASP C 57 -18.42 26.21 -4.28
C ASP C 57 -16.94 25.86 -4.27
N GLN C 58 -16.66 24.59 -4.51
CA GLN C 58 -15.30 24.07 -4.55
C GLN C 58 -14.56 24.54 -5.81
N VAL C 59 -15.26 24.60 -6.94
CA VAL C 59 -14.65 25.10 -8.18
C VAL C 59 -14.78 26.62 -8.27
N ARG C 60 -15.32 27.21 -7.21
CA ARG C 60 -15.43 28.65 -7.09
C ARG C 60 -14.21 29.18 -6.35
N ARG C 61 -14.00 28.71 -5.12
CA ARG C 61 -12.79 29.04 -4.33
C ARG C 61 -11.51 28.49 -4.94
N GLN C 62 -11.66 27.59 -5.91
CA GLN C 62 -10.54 27.05 -6.67
C GLN C 62 -9.94 28.09 -7.62
N SER C 63 -10.82 28.85 -8.29
CA SER C 63 -10.38 29.91 -9.21
C SER C 63 -10.60 31.29 -8.61
N ALA C 64 -10.23 32.32 -9.37
CA ALA C 64 -10.39 33.71 -8.93
C ALA C 64 -11.81 34.23 -9.16
N ASN C 65 -12.09 34.70 -10.38
CA ASN C 65 -13.32 35.42 -10.65
C ASN C 65 -14.32 34.67 -11.51
N PRO C 66 -15.62 34.96 -11.29
CA PRO C 66 -16.71 34.51 -12.15
C PRO C 66 -16.49 34.96 -13.61
N LEU C 67 -17.37 34.50 -14.50
CA LEU C 67 -17.26 34.71 -15.95
C LEU C 67 -16.03 34.02 -16.53
N ASP C 68 -15.26 33.34 -15.68
CA ASP C 68 -14.07 32.61 -16.11
C ASP C 68 -14.45 31.51 -17.10
N PRO C 69 -13.73 31.44 -18.24
CA PRO C 69 -14.06 30.51 -19.33
C PRO C 69 -13.96 29.03 -18.95
N ARG C 70 -12.97 28.68 -18.12
CA ARG C 70 -12.84 27.34 -17.56
C ARG C 70 -13.99 27.05 -16.60
N VAL C 71 -14.22 28.00 -15.67
CA VAL C 71 -15.20 27.85 -14.59
C VAL C 71 -16.63 27.59 -15.09
N GLN C 72 -17.04 28.32 -16.13
CA GLN C 72 -18.39 28.15 -16.67
C GLN C 72 -18.61 26.76 -17.26
N GLU C 73 -17.63 26.25 -18.00
CA GLU C 73 -17.73 24.94 -18.63
C GLU C 73 -17.91 23.80 -17.62
N GLN C 74 -17.21 23.87 -16.49
CA GLN C 74 -17.31 22.83 -15.47
C GLN C 74 -18.53 22.97 -14.54
N VAL C 75 -18.95 24.22 -14.26
CA VAL C 75 -20.16 24.45 -13.46
C VAL C 75 -21.40 24.04 -14.24
N ALA C 76 -21.55 24.60 -15.45
CA ALA C 76 -22.66 24.27 -16.31
C ALA C 76 -22.68 22.79 -16.64
N ASN C 77 -21.51 22.17 -16.62
CA ASN C 77 -21.41 20.73 -16.81
C ASN C 77 -21.99 19.97 -15.62
N ILE C 78 -21.74 20.47 -14.41
CA ILE C 78 -22.30 19.91 -13.18
C ILE C 78 -23.80 20.15 -13.11
N GLN C 79 -24.22 21.38 -13.42
CA GLN C 79 -25.64 21.72 -13.46
C GLN C 79 -26.43 20.75 -14.36
N GLN C 80 -25.92 20.51 -15.57
CA GLN C 80 -26.54 19.55 -16.49
C GLN C 80 -26.34 18.11 -16.04
N GLN C 81 -25.29 17.87 -15.25
CA GLN C 81 -25.06 16.54 -14.69
C GLN C 81 -26.12 16.17 -13.67
N VAL C 82 -26.38 17.06 -12.70
CA VAL C 82 -27.42 16.78 -11.69
C VAL C 82 -28.81 16.78 -12.31
N ALA C 83 -29.06 17.69 -13.25
CA ALA C 83 -30.32 17.76 -13.98
C ALA C 83 -30.70 16.38 -14.55
N GLY C 84 -29.73 15.72 -15.17
CA GLY C 84 -29.93 14.38 -15.72
C GLY C 84 -30.23 13.31 -14.68
N LYS C 85 -29.39 13.27 -13.63
CA LYS C 85 -29.52 12.29 -12.54
C LYS C 85 -30.85 12.48 -11.82
N ARG C 86 -31.18 13.75 -11.58
CA ARG C 86 -32.44 14.13 -10.96
C ARG C 86 -33.63 13.55 -11.74
N SER C 87 -33.66 13.76 -13.05
CA SER C 87 -34.71 13.22 -13.90
C SER C 87 -34.83 11.72 -13.75
N GLU C 88 -33.69 11.03 -13.82
CA GLU C 88 -33.67 9.57 -13.73
C GLU C 88 -34.12 9.07 -12.37
N LEU C 89 -33.81 9.82 -11.32
CA LEU C 89 -34.30 9.49 -9.99
C LEU C 89 -35.79 9.79 -9.84
N GLU C 90 -36.22 10.92 -10.39
CA GLU C 90 -37.63 11.32 -10.29
C GLU C 90 -38.54 10.37 -11.07
N GLU C 91 -38.03 9.80 -12.16
CA GLU C 91 -38.77 8.79 -12.94
C GLU C 91 -39.04 7.55 -12.11
N GLN C 92 -38.02 7.08 -11.40
CA GLN C 92 -38.16 5.94 -10.51
C GLN C 92 -39.19 6.22 -9.42
N LYS C 93 -39.16 7.44 -8.89
CA LYS C 93 -40.14 7.86 -7.90
C LYS C 93 -41.55 7.79 -8.45
N ARG C 94 -41.79 8.49 -9.55
CA ARG C 94 -43.09 8.48 -10.23
C ARG C 94 -43.54 7.05 -10.53
N ASN C 95 -42.59 6.19 -10.86
CA ASN C 95 -42.84 4.76 -11.02
C ASN C 95 -43.29 4.09 -9.74
N LEU C 96 -42.45 4.18 -8.71
CA LEU C 96 -42.71 3.54 -7.42
C LEU C 96 -44.02 4.04 -6.81
N LEU C 97 -44.30 5.32 -7.00
CA LEU C 97 -45.52 5.91 -6.50
C LEU C 97 -46.73 5.43 -7.28
N GLN C 98 -46.50 5.08 -8.55
CA GLN C 98 -47.56 4.51 -9.39
C GLN C 98 -47.91 3.11 -8.91
N GLN C 99 -46.89 2.30 -8.64
CA GLN C 99 -47.06 0.94 -8.14
C GLN C 99 -47.77 0.93 -6.79
N GLN C 100 -47.29 1.77 -5.88
CA GLN C 100 -47.92 1.97 -4.59
C GLN C 100 -49.41 2.27 -4.74
N ALA C 101 -49.74 3.12 -5.71
CA ALA C 101 -51.13 3.49 -6.00
C ALA C 101 -51.95 2.29 -6.48
N GLN C 102 -51.30 1.44 -7.27
CA GLN C 102 -51.94 0.24 -7.79
C GLN C 102 -52.07 -0.84 -6.71
N VAL C 103 -50.98 -1.10 -5.99
CA VAL C 103 -51.00 -2.04 -4.86
C VAL C 103 -52.18 -1.75 -3.97
N ARG C 104 -52.25 -0.51 -3.48
CA ARG C 104 -53.33 -0.10 -2.60
C ARG C 104 -54.70 -0.22 -3.25
N GLU C 105 -54.83 0.22 -4.50
CA GLU C 105 -56.12 0.20 -5.18
C GLU C 105 -56.39 -1.10 -5.95
N LEU C 106 -56.18 -2.23 -5.28
CA LEU C 106 -56.45 -3.56 -5.83
C LEU C 106 -57.12 -4.42 -4.79
N GLU C 107 -58.21 -5.08 -5.19
CA GLU C 107 -58.99 -5.92 -4.29
C GLU C 107 -58.34 -7.29 -4.08
N MSE C 108 -58.57 -7.88 -2.92
CA MSE C 108 -58.04 -9.20 -2.56
C MSE C 108 -58.39 -10.27 -3.59
O MSE C 108 -59.42 -10.17 -4.27
CB MSE C 108 -58.54 -9.63 -1.18
CG MSE C 108 -58.05 -8.78 -0.01
SE MSE C 108 -56.11 -8.78 0.21
CE MSE C 108 -55.67 -7.38 -1.05
N ASP C 109 -57.53 -11.28 -3.72
CA ASP C 109 -57.72 -12.44 -4.60
C ASP C 109 -57.69 -12.14 -6.10
N GLN C 110 -57.20 -10.97 -6.47
CA GLN C 110 -56.97 -10.61 -7.86
C GLN C 110 -55.59 -11.11 -8.28
N ILE C 111 -55.39 -11.21 -9.59
CA ILE C 111 -54.17 -11.76 -10.16
C ILE C 111 -53.31 -10.63 -10.71
N VAL C 112 -52.01 -10.65 -10.40
CA VAL C 112 -51.07 -9.61 -10.85
C VAL C 112 -49.72 -10.15 -11.32
N GLU C 113 -49.28 -9.65 -12.47
CA GLU C 113 -47.92 -9.88 -12.97
C GLU C 113 -46.89 -9.70 -11.85
N GLN C 114 -45.87 -10.55 -11.82
CA GLN C 114 -44.83 -10.46 -10.79
C GLN C 114 -43.44 -10.82 -11.32
N GLY C 115 -43.24 -10.69 -12.63
CA GLY C 115 -41.94 -10.97 -13.22
C GLY C 115 -41.82 -12.28 -13.99
N GLN C 116 -40.59 -12.69 -14.23
CA GLN C 116 -40.30 -13.79 -15.15
C GLN C 116 -39.28 -14.81 -14.61
N LEU C 117 -39.47 -16.07 -14.99
CA LEU C 117 -38.50 -17.13 -14.70
C LEU C 117 -38.10 -17.84 -15.99
N GLU C 118 -36.83 -18.26 -16.08
CA GLU C 118 -36.37 -19.02 -17.24
C GLU C 118 -36.64 -20.51 -17.02
N SER C 119 -37.30 -21.13 -17.98
CA SER C 119 -37.51 -22.57 -17.96
C SER C 119 -37.09 -23.21 -19.27
N SER C 120 -37.29 -24.53 -19.35
CA SER C 120 -37.09 -25.28 -20.59
C SER C 120 -38.21 -26.30 -20.75
N CYS C 121 -38.50 -26.66 -22.00
CA CYS C 121 -39.49 -27.67 -22.31
C CYS C 121 -39.04 -28.43 -23.55
N GLU C 122 -39.77 -29.50 -23.86
CA GLU C 122 -39.49 -30.27 -25.06
C GLU C 122 -40.49 -29.91 -26.14
N ILE C 123 -40.04 -29.78 -27.38
CA ILE C 123 -40.94 -29.50 -28.51
C ILE C 123 -40.87 -30.62 -29.55
N LYS C 124 -42.01 -30.93 -30.16
CA LYS C 124 -42.10 -31.97 -31.20
C LYS C 124 -42.87 -31.45 -32.40
N VAL C 125 -42.70 -32.12 -33.54
CA VAL C 125 -43.51 -31.83 -34.70
C VAL C 125 -44.96 -31.88 -34.26
N GLY C 126 -45.72 -30.83 -34.56
CA GLY C 126 -47.12 -30.79 -34.19
C GLY C 126 -47.42 -29.92 -32.97
N ASP C 127 -46.42 -29.68 -32.15
CA ASP C 127 -46.59 -28.80 -31.00
C ASP C 127 -46.90 -27.36 -31.46
N ASN C 128 -47.57 -26.61 -30.60
CA ASN C 128 -47.74 -25.20 -30.85
C ASN C 128 -46.65 -24.40 -30.14
N LEU C 129 -45.66 -23.97 -30.93
CA LEU C 129 -44.52 -23.24 -30.38
C LEU C 129 -44.94 -21.92 -29.74
N VAL C 130 -45.77 -21.15 -30.47
CA VAL C 130 -46.26 -19.88 -29.95
C VAL C 130 -46.84 -20.06 -28.55
N GLU C 131 -47.60 -21.13 -28.37
CA GLU C 131 -48.26 -21.46 -27.10
C GLU C 131 -47.30 -21.95 -26.03
N LYS C 132 -46.26 -22.67 -26.45
CA LYS C 132 -45.21 -23.12 -25.54
C LYS C 132 -44.61 -21.94 -24.79
N MSE C 133 -44.48 -20.79 -25.45
CA MSE C 133 -43.89 -19.60 -24.84
C MSE C 133 -44.88 -18.87 -23.92
O MSE C 133 -44.47 -18.09 -23.05
CB MSE C 133 -43.37 -18.65 -25.92
CG MSE C 133 -42.70 -19.34 -27.12
SE MSE C 133 -40.95 -20.11 -26.73
CE MSE C 133 -39.90 -18.47 -26.81
N GLN C 134 -46.17 -19.15 -24.09
CA GLN C 134 -47.25 -18.47 -23.39
C GLN C 134 -47.51 -18.93 -21.95
N VAL C 135 -46.68 -19.83 -21.44
CA VAL C 135 -46.91 -20.42 -20.12
C VAL C 135 -46.82 -19.42 -18.95
N ALA C 136 -47.64 -19.64 -17.93
CA ALA C 136 -47.64 -18.78 -16.75
C ALA C 136 -47.98 -19.56 -15.48
N ILE C 137 -47.42 -19.13 -14.35
CA ILE C 137 -47.80 -19.69 -13.06
C ILE C 137 -48.42 -18.63 -12.14
N VAL C 138 -49.26 -19.09 -11.22
CA VAL C 138 -49.96 -18.21 -10.29
C VAL C 138 -49.57 -18.60 -8.85
N VAL C 139 -49.04 -17.62 -8.11
CA VAL C 139 -48.53 -17.88 -6.76
C VAL C 139 -49.34 -17.16 -5.66
N ARG C 140 -49.70 -17.93 -4.64
CA ARG C 140 -50.39 -17.45 -3.44
C ARG C 140 -49.47 -17.68 -2.24
N ASP C 141 -48.95 -16.58 -1.69
CA ASP C 141 -48.00 -16.63 -0.56
C ASP C 141 -46.98 -17.75 -0.68
N GLY C 142 -46.17 -17.71 -1.73
CA GLY C 142 -45.09 -18.66 -1.94
C GLY C 142 -45.49 -19.92 -2.69
N VAL C 143 -46.77 -20.26 -2.63
CA VAL C 143 -47.29 -21.53 -3.17
C VAL C 143 -47.87 -21.42 -4.57
N ILE C 144 -47.65 -22.46 -5.38
CA ILE C 144 -48.17 -22.48 -6.74
C ILE C 144 -49.63 -22.89 -6.78
N GLN C 145 -50.45 -22.00 -7.34
CA GLN C 145 -51.90 -22.20 -7.44
C GLN C 145 -52.32 -22.85 -8.75
N SER C 146 -51.56 -22.65 -9.83
CA SER C 146 -51.87 -23.21 -11.15
C SER C 146 -50.87 -22.85 -12.24
N ILE C 147 -50.85 -23.65 -13.30
CA ILE C 147 -50.08 -23.40 -14.51
C ILE C 147 -51.06 -23.00 -15.60
N GLU C 148 -50.73 -21.97 -16.40
CA GLU C 148 -51.71 -21.29 -17.24
C GLU C 148 -51.53 -21.45 -18.76
N GLU C 149 -52.47 -20.88 -19.52
CA GLU C 149 -52.55 -20.93 -20.99
C GLU C 149 -52.51 -22.35 -21.55
N SER D 5 -52.75 -27.20 -16.61
CA SER D 5 -52.27 -27.79 -15.31
C SER D 5 -53.09 -29.03 -14.92
N ASP D 6 -52.61 -30.19 -15.34
CA ASP D 6 -53.25 -31.47 -15.02
C ASP D 6 -52.27 -32.45 -14.36
N GLY D 7 -51.28 -31.89 -13.65
CA GLY D 7 -50.16 -32.65 -13.11
C GLY D 7 -48.88 -32.27 -13.83
N THR D 8 -48.94 -31.12 -14.52
CA THR D 8 -47.82 -30.56 -15.27
C THR D 8 -46.63 -30.32 -14.33
N ILE D 9 -45.44 -30.67 -14.80
CA ILE D 9 -44.20 -30.37 -14.09
C ILE D 9 -43.37 -29.43 -14.96
N LEU D 10 -42.99 -28.30 -14.38
CA LEU D 10 -42.11 -27.36 -15.08
C LEU D 10 -40.67 -27.45 -14.59
N THR D 11 -39.75 -27.14 -15.49
CA THR D 11 -38.34 -27.09 -15.18
C THR D 11 -37.87 -25.64 -15.27
N ILE D 12 -37.42 -25.11 -14.14
CA ILE D 12 -37.04 -23.71 -14.07
C ILE D 12 -35.59 -23.54 -13.61
N LYS D 13 -35.04 -22.35 -13.85
CA LYS D 13 -33.67 -22.02 -13.50
C LYS D 13 -33.61 -21.44 -12.10
N ARG D 14 -32.70 -21.97 -11.29
CA ARG D 14 -32.51 -21.49 -9.93
C ARG D 14 -31.03 -21.45 -9.56
N PRO D 15 -30.65 -20.50 -8.66
CA PRO D 15 -29.27 -20.39 -8.21
C PRO D 15 -28.95 -21.38 -7.11
N ILE D 16 -27.66 -21.61 -6.86
CA ILE D 16 -27.22 -22.51 -5.80
C ILE D 16 -26.16 -21.79 -4.99
N THR D 17 -26.47 -21.54 -3.72
CA THR D 17 -25.50 -20.92 -2.83
C THR D 17 -24.37 -21.88 -2.57
N VAL D 18 -23.15 -21.40 -2.78
CA VAL D 18 -21.99 -22.26 -2.67
C VAL D 18 -21.18 -21.82 -1.48
N ARG D 19 -21.30 -22.56 -0.39
CA ARG D 19 -20.56 -22.29 0.84
C ARG D 19 -19.25 -23.06 0.83
N ALA D 20 -18.24 -22.54 1.53
CA ALA D 20 -16.97 -23.24 1.64
C ALA D 20 -16.57 -23.47 3.10
N VAL D 21 -15.90 -24.60 3.32
CA VAL D 21 -15.35 -24.98 4.61
C VAL D 21 -14.00 -24.29 4.75
N VAL D 22 -13.64 -23.94 5.99
CA VAL D 22 -12.34 -23.35 6.28
C VAL D 22 -11.24 -24.39 6.48
N THR D 23 -10.48 -24.63 5.43
CA THR D 23 -9.28 -25.44 5.51
C THR D 23 -8.09 -24.48 5.58
N PRO D 24 -6.95 -24.95 6.09
CA PRO D 24 -5.75 -24.13 5.99
C PRO D 24 -5.35 -23.91 4.53
N THR D 25 -5.90 -24.72 3.62
CA THR D 25 -5.65 -24.56 2.19
C THR D 25 -6.49 -23.40 1.63
N TRP D 26 -7.62 -23.14 2.28
CA TRP D 26 -8.50 -22.06 1.88
C TRP D 26 -8.01 -20.73 2.39
N LYS D 27 -7.65 -20.69 3.68
CA LYS D 27 -7.08 -19.48 4.28
C LYS D 27 -5.86 -19.00 3.51
N GLU D 28 -4.93 -19.92 3.27
CA GLU D 28 -3.73 -19.62 2.50
C GLU D 28 -4.07 -18.95 1.18
N GLU D 29 -4.99 -19.55 0.42
CA GLU D 29 -5.46 -19.00 -0.84
C GLU D 29 -6.11 -17.63 -0.66
N ALA D 30 -7.00 -17.53 0.32
CA ALA D 30 -7.77 -16.32 0.60
C ALA D 30 -6.88 -15.16 1.01
N GLU D 31 -5.80 -15.45 1.72
CA GLU D 31 -4.91 -14.39 2.20
C GLU D 31 -4.05 -13.83 1.10
N ARG D 32 -3.51 -14.71 0.26
CA ARG D 32 -2.65 -14.30 -0.84
C ARG D 32 -3.36 -13.31 -1.77
N GLU D 33 -4.66 -13.51 -1.96
CA GLU D 33 -5.44 -12.59 -2.76
C GLU D 33 -5.62 -11.26 -2.05
N ILE D 34 -5.95 -11.30 -0.75
CA ILE D 34 -6.08 -10.09 0.07
C ILE D 34 -4.80 -9.27 0.01
N SER D 35 -3.67 -9.95 0.21
CA SER D 35 -2.36 -9.31 0.20
C SER D 35 -2.04 -8.65 -1.14
N ASN D 36 -2.19 -9.39 -2.23
CA ASN D 36 -2.04 -8.86 -3.57
C ASN D 36 -2.84 -7.58 -3.77
N GLY D 37 -4.09 -7.61 -3.32
CA GLY D 37 -4.96 -6.44 -3.34
C GLY D 37 -4.34 -5.27 -2.60
N ILE D 38 -3.92 -5.54 -1.35
CA ILE D 38 -3.33 -4.54 -0.45
C ILE D 38 -2.10 -3.89 -1.05
N ALA D 39 -1.13 -4.71 -1.45
CA ALA D 39 0.12 -4.21 -1.99
C ALA D 39 -0.10 -3.44 -3.28
N ASN D 40 -0.98 -3.97 -4.12
CA ASN D 40 -1.40 -3.32 -5.36
C ASN D 40 -1.96 -1.92 -5.08
N ALA D 41 -2.78 -1.81 -4.02
CA ALA D 41 -3.39 -0.55 -3.62
C ALA D 41 -2.37 0.48 -3.16
N ASP D 42 -1.48 0.06 -2.26
CA ASP D 42 -0.43 0.95 -1.76
C ASP D 42 0.52 1.39 -2.87
N GLN D 43 0.80 0.48 -3.81
CA GLN D 43 1.67 0.78 -4.95
C GLN D 43 1.00 1.78 -5.88
N GLN D 44 -0.32 1.88 -5.80
CA GLN D 44 -1.05 2.91 -6.54
C GLN D 44 -0.98 4.25 -5.83
N LEU D 45 -1.14 4.22 -4.51
CA LEU D 45 -1.10 5.43 -3.70
C LEU D 45 0.25 6.13 -3.75
N ALA D 46 1.34 5.37 -3.85
CA ALA D 46 2.67 5.94 -4.05
C ALA D 46 2.76 6.54 -5.45
N GLN D 47 2.15 5.87 -6.42
CA GLN D 47 2.13 6.32 -7.80
C GLN D 47 1.28 7.57 -7.97
N LEU D 48 0.18 7.63 -7.22
CA LEU D 48 -0.72 8.77 -7.26
C LEU D 48 0.06 10.04 -6.91
N GLU D 49 0.69 10.03 -5.73
CA GLU D 49 1.52 11.15 -5.29
C GLU D 49 2.66 11.43 -6.25
N GLN D 50 3.47 10.42 -6.53
CA GLN D 50 4.57 10.54 -7.50
C GLN D 50 4.14 11.30 -8.75
N GLU D 51 2.97 10.97 -9.27
CA GLU D 51 2.46 11.60 -10.48
C GLU D 51 2.03 13.03 -10.20
N GLY D 52 1.16 13.20 -9.21
CA GLY D 52 0.67 14.52 -8.80
C GLY D 52 1.77 15.56 -8.67
N GLN D 53 2.85 15.21 -7.98
CA GLN D 53 4.02 16.06 -7.85
C GLN D 53 4.43 16.61 -9.22
N THR D 54 4.74 15.71 -10.16
CA THR D 54 5.25 16.08 -11.48
C THR D 54 4.28 16.97 -12.26
N VAL D 55 2.99 16.61 -12.20
CA VAL D 55 1.94 17.39 -12.88
C VAL D 55 1.95 18.83 -12.36
N VAL D 56 1.93 18.98 -11.05
CA VAL D 56 1.97 20.27 -10.39
C VAL D 56 3.21 21.07 -10.78
N ASP D 57 4.35 20.40 -10.93
CA ASP D 57 5.59 21.06 -11.36
C ASP D 57 5.49 21.65 -12.77
N GLN D 58 5.00 20.83 -13.71
CA GLN D 58 4.80 21.24 -15.11
C GLN D 58 3.84 22.44 -15.21
N VAL D 59 2.76 22.39 -14.44
CA VAL D 59 1.81 23.49 -14.36
C VAL D 59 2.52 24.76 -13.92
N ARG D 60 3.28 24.67 -12.83
CA ARG D 60 3.99 25.83 -12.29
C ARG D 60 5.02 26.38 -13.29
N ARG D 61 5.53 25.51 -14.17
CA ARG D 61 6.47 25.91 -15.21
C ARG D 61 5.87 26.96 -16.17
N GLN D 62 4.55 27.14 -16.13
CA GLN D 62 3.86 28.07 -17.04
C GLN D 62 4.24 29.54 -16.85
N SER D 63 3.70 30.17 -15.80
CA SER D 63 3.92 31.58 -15.54
C SER D 63 5.07 31.84 -14.56
N ALA D 64 5.74 32.97 -14.75
CA ALA D 64 6.86 33.40 -13.89
C ALA D 64 6.39 33.80 -12.49
N ASN D 65 5.14 34.26 -12.42
CA ASN D 65 4.48 34.61 -11.16
C ASN D 65 4.05 33.34 -10.41
N PRO D 66 4.71 33.05 -9.27
CA PRO D 66 4.34 31.89 -8.47
C PRO D 66 2.89 31.95 -7.99
N LEU D 67 2.43 33.16 -7.66
CA LEU D 67 1.06 33.34 -7.19
C LEU D 67 0.05 33.55 -8.32
N ASP D 68 0.46 33.35 -9.58
CA ASP D 68 -0.42 33.49 -10.74
C ASP D 68 -1.78 32.82 -10.48
N PRO D 69 -2.88 33.53 -10.75
CA PRO D 69 -4.22 33.03 -10.39
C PRO D 69 -4.62 31.72 -11.10
N ARG D 70 -4.19 31.54 -12.35
CA ARG D 70 -4.49 30.31 -13.11
C ARG D 70 -3.61 29.13 -12.68
N VAL D 71 -2.34 29.40 -12.39
CA VAL D 71 -1.45 28.41 -11.81
C VAL D 71 -2.01 27.97 -10.46
N GLN D 72 -2.35 28.96 -9.61
CA GLN D 72 -3.02 28.71 -8.33
C GLN D 72 -4.21 27.77 -8.48
N GLU D 73 -5.09 28.12 -9.43
CA GLU D 73 -6.33 27.40 -9.71
C GLU D 73 -6.10 25.94 -10.12
N GLN D 74 -5.25 25.73 -11.13
CA GLN D 74 -4.97 24.41 -11.65
C GLN D 74 -4.38 23.49 -10.59
N VAL D 75 -3.44 24.02 -9.82
CA VAL D 75 -2.85 23.30 -8.70
C VAL D 75 -3.94 22.84 -7.74
N ALA D 76 -4.81 23.74 -7.33
CA ALA D 76 -5.94 23.42 -6.44
C ALA D 76 -6.73 22.21 -6.96
N ASN D 77 -7.09 22.26 -8.24
CA ASN D 77 -7.82 21.21 -8.93
C ASN D 77 -7.14 19.84 -8.83
N ILE D 78 -5.89 19.80 -9.29
CA ILE D 78 -5.05 18.61 -9.23
C ILE D 78 -5.07 18.01 -7.83
N GLN D 79 -4.81 18.85 -6.83
CA GLN D 79 -4.74 18.40 -5.46
C GLN D 79 -6.08 17.87 -4.96
N GLN D 80 -7.17 18.50 -5.39
CA GLN D 80 -8.51 18.05 -5.04
C GLN D 80 -8.85 16.69 -5.65
N GLN D 81 -8.24 16.38 -6.79
CA GLN D 81 -8.42 15.08 -7.42
C GLN D 81 -7.60 14.02 -6.71
N VAL D 82 -6.33 14.33 -6.45
CA VAL D 82 -5.50 13.45 -5.65
C VAL D 82 -6.21 13.14 -4.33
N ALA D 83 -6.76 14.17 -3.69
CA ALA D 83 -7.55 14.00 -2.48
C ALA D 83 -8.62 12.92 -2.62
N GLY D 84 -9.45 13.06 -3.66
CA GLY D 84 -10.58 12.15 -3.90
C GLY D 84 -10.17 10.76 -4.35
N LYS D 85 -9.18 10.68 -5.24
CA LYS D 85 -8.67 9.40 -5.75
C LYS D 85 -8.06 8.59 -4.60
N ARG D 86 -7.28 9.27 -3.75
CA ARG D 86 -6.74 8.68 -2.53
C ARG D 86 -7.84 8.15 -1.60
N SER D 87 -8.91 8.92 -1.43
CA SER D 87 -10.04 8.51 -0.60
C SER D 87 -10.52 7.11 -0.97
N GLU D 88 -10.66 6.89 -2.27
CA GLU D 88 -11.13 5.61 -2.80
C GLU D 88 -10.16 4.48 -2.49
N LEU D 89 -8.89 4.70 -2.82
CA LEU D 89 -7.85 3.69 -2.61
C LEU D 89 -7.69 3.33 -1.13
N GLU D 90 -7.76 4.33 -0.26
CA GLU D 90 -7.64 4.12 1.18
C GLU D 90 -8.87 3.40 1.73
N GLU D 91 -10.02 3.66 1.10
CA GLU D 91 -11.28 3.00 1.44
C GLU D 91 -11.23 1.51 1.12
N GLN D 92 -10.63 1.18 -0.03
CA GLN D 92 -10.46 -0.21 -0.45
C GLN D 92 -9.46 -0.93 0.45
N LYS D 93 -8.41 -0.23 0.85
CA LYS D 93 -7.44 -0.74 1.82
C LYS D 93 -8.14 -1.20 3.09
N ARG D 94 -9.01 -0.34 3.65
CA ARG D 94 -9.75 -0.68 4.85
C ARG D 94 -10.62 -1.91 4.64
N ASN D 95 -11.32 -1.96 3.51
CA ASN D 95 -12.09 -3.14 3.13
C ASN D 95 -11.22 -4.37 3.18
N LEU D 96 -10.16 -4.37 2.39
CA LEU D 96 -9.26 -5.51 2.31
C LEU D 96 -8.73 -5.90 3.68
N LEU D 97 -8.34 -4.90 4.48
CA LEU D 97 -7.81 -5.15 5.81
C LEU D 97 -8.85 -5.72 6.75
N GLN D 98 -10.09 -5.27 6.60
CA GLN D 98 -11.20 -5.79 7.39
C GLN D 98 -11.41 -7.25 7.05
N GLN D 99 -11.45 -7.54 5.75
CA GLN D 99 -11.56 -8.92 5.25
C GLN D 99 -10.42 -9.75 5.82
N GLN D 100 -9.20 -9.23 5.67
CA GLN D 100 -8.02 -9.87 6.23
C GLN D 100 -8.20 -10.21 7.70
N ALA D 101 -8.71 -9.25 8.48
CA ALA D 101 -8.99 -9.46 9.88
C ALA D 101 -9.99 -10.60 10.08
N GLN D 102 -11.04 -10.64 9.25
CA GLN D 102 -12.04 -11.71 9.29
C GLN D 102 -11.43 -13.07 8.95
N VAL D 103 -10.65 -13.11 7.87
CA VAL D 103 -10.03 -14.34 7.40
C VAL D 103 -9.11 -14.92 8.48
N ARG D 104 -8.51 -14.05 9.27
CA ARG D 104 -7.63 -14.49 10.34
C ARG D 104 -8.42 -14.92 11.59
N GLU D 105 -9.50 -14.19 11.89
CA GLU D 105 -10.37 -14.53 13.01
C GLU D 105 -11.09 -15.86 12.85
N LEU D 106 -11.47 -16.18 11.61
CA LEU D 106 -12.19 -17.41 11.30
C LEU D 106 -11.49 -18.66 11.83
N GLU D 107 -12.25 -19.50 12.52
CA GLU D 107 -11.74 -20.75 13.06
C GLU D 107 -11.82 -21.83 11.97
N MSE D 108 -10.89 -22.78 12.00
CA MSE D 108 -10.90 -23.90 11.07
C MSE D 108 -12.25 -24.64 11.18
O MSE D 108 -12.92 -24.55 12.20
CB MSE D 108 -9.75 -24.86 11.36
CG MSE D 108 -9.00 -25.30 10.13
SE MSE D 108 -8.19 -23.80 9.21
CE MSE D 108 -7.34 -22.93 10.75
N ASP D 109 -12.60 -25.35 10.11
CA ASP D 109 -13.90 -26.04 10.02
C ASP D 109 -15.09 -25.11 10.29
N GLN D 110 -15.12 -23.99 9.58
CA GLN D 110 -16.25 -23.06 9.64
C GLN D 110 -16.76 -22.84 8.23
N ILE D 111 -17.99 -22.36 8.10
CA ILE D 111 -18.61 -22.24 6.78
C ILE D 111 -18.78 -20.79 6.37
N VAL D 112 -18.27 -20.45 5.18
CA VAL D 112 -18.42 -19.09 4.67
C VAL D 112 -19.02 -19.08 3.27
N GLU D 113 -19.79 -18.03 2.98
CA GLU D 113 -20.34 -17.77 1.65
C GLU D 113 -19.24 -17.72 0.58
N GLN D 114 -19.57 -18.06 -0.66
CA GLN D 114 -18.60 -18.12 -1.76
C GLN D 114 -19.19 -17.91 -3.14
N GLY D 115 -20.41 -17.40 -3.24
CA GLY D 115 -20.98 -17.14 -4.55
C GLY D 115 -21.92 -18.20 -5.09
N GLN D 116 -22.35 -18.00 -6.34
CA GLN D 116 -23.49 -18.72 -6.91
C GLN D 116 -23.10 -19.70 -8.01
N LEU D 117 -24.02 -20.62 -8.29
CA LEU D 117 -23.93 -21.56 -9.40
C LEU D 117 -25.29 -21.68 -10.04
N GLU D 118 -25.34 -21.58 -11.36
CA GLU D 118 -26.61 -21.72 -12.06
C GLU D 118 -27.07 -23.18 -12.08
N SER D 119 -28.32 -23.39 -11.69
CA SER D 119 -28.89 -24.70 -11.62
C SER D 119 -30.30 -24.67 -12.19
N SER D 120 -30.95 -25.83 -12.18
CA SER D 120 -32.34 -25.96 -12.59
C SER D 120 -33.06 -26.88 -11.61
N CYS D 121 -34.38 -26.96 -11.70
CA CYS D 121 -35.14 -27.83 -10.80
C CYS D 121 -36.55 -28.00 -11.32
N GLU D 122 -37.39 -28.68 -10.55
CA GLU D 122 -38.76 -28.95 -10.96
C GLU D 122 -39.82 -28.42 -10.03
N ILE D 123 -40.91 -27.96 -10.62
CA ILE D 123 -42.02 -27.38 -9.87
C ILE D 123 -43.35 -27.87 -10.42
N LYS D 124 -44.27 -28.20 -9.53
CA LYS D 124 -45.64 -28.59 -9.88
C LYS D 124 -46.58 -27.75 -8.99
N VAL D 125 -47.89 -27.93 -9.11
CA VAL D 125 -48.85 -27.16 -8.31
C VAL D 125 -48.74 -27.57 -6.84
N GLY D 126 -49.07 -26.63 -5.95
CA GLY D 126 -48.98 -26.87 -4.51
C GLY D 126 -47.57 -26.78 -3.98
N ASP D 127 -46.63 -26.49 -4.85
CA ASP D 127 -45.23 -26.33 -4.46
C ASP D 127 -44.94 -24.91 -3.97
N ASN D 128 -44.08 -24.82 -2.97
CA ASN D 128 -43.60 -23.53 -2.50
C ASN D 128 -42.33 -23.12 -3.25
N LEU D 129 -42.50 -22.13 -4.12
CA LEU D 129 -41.48 -21.68 -5.05
C LEU D 129 -40.14 -21.37 -4.39
N VAL D 130 -40.16 -20.63 -3.30
CA VAL D 130 -38.95 -20.20 -2.61
C VAL D 130 -38.20 -21.40 -2.03
N GLU D 131 -38.97 -22.30 -1.43
CA GLU D 131 -38.41 -23.52 -0.87
C GLU D 131 -37.87 -24.47 -1.92
N LYS D 132 -38.37 -24.35 -3.15
CA LYS D 132 -37.90 -25.21 -4.25
C LYS D 132 -36.61 -24.70 -4.88
N MSE D 133 -36.24 -23.44 -4.60
CA MSE D 133 -35.10 -22.81 -5.27
C MSE D 133 -34.28 -21.91 -4.35
O MSE D 133 -33.98 -20.75 -4.68
CB MSE D 133 -35.58 -22.04 -6.50
CG MSE D 133 -36.77 -21.14 -6.27
SE MSE D 133 -36.99 -19.89 -7.73
CE MSE D 133 -35.50 -18.69 -7.30
N GLN D 134 -33.92 -22.46 -3.20
CA GLN D 134 -33.10 -21.74 -2.23
C GLN D 134 -32.22 -22.76 -1.54
N VAL D 135 -31.54 -23.56 -2.36
CA VAL D 135 -30.63 -24.59 -1.89
C VAL D 135 -29.18 -24.08 -1.80
N ALA D 136 -28.37 -24.80 -1.02
CA ALA D 136 -26.97 -24.47 -0.86
C ALA D 136 -26.16 -25.75 -0.76
N ILE D 137 -24.91 -25.69 -1.21
CA ILE D 137 -23.98 -26.81 -1.08
C ILE D 137 -22.79 -26.39 -0.20
N VAL D 138 -22.06 -27.36 0.33
CA VAL D 138 -20.94 -27.09 1.21
C VAL D 138 -19.70 -27.84 0.72
N VAL D 139 -18.70 -27.08 0.30
CA VAL D 139 -17.52 -27.69 -0.33
C VAL D 139 -16.26 -27.47 0.50
N ARG D 140 -15.48 -28.54 0.64
CA ARG D 140 -14.21 -28.52 1.36
C ARG D 140 -13.18 -29.12 0.45
N ASP D 141 -12.26 -28.26 -0.02
CA ASP D 141 -11.20 -28.64 -0.95
C ASP D 141 -11.75 -29.33 -2.23
N GLY D 142 -12.79 -28.74 -2.82
CA GLY D 142 -13.34 -29.24 -4.08
C GLY D 142 -14.39 -30.32 -3.93
N VAL D 143 -14.38 -31.02 -2.80
CA VAL D 143 -15.31 -32.10 -2.56
C VAL D 143 -16.56 -31.59 -1.87
N ILE D 144 -17.71 -31.89 -2.47
CA ILE D 144 -19.01 -31.56 -1.88
C ILE D 144 -19.21 -32.37 -0.61
N GLN D 145 -19.41 -31.69 0.52
CA GLN D 145 -19.66 -32.39 1.77
C GLN D 145 -21.14 -32.46 2.11
N SER D 146 -21.85 -31.37 1.87
CA SER D 146 -23.24 -31.29 2.25
C SER D 146 -24.11 -30.67 1.15
N ILE D 147 -25.43 -30.83 1.26
CA ILE D 147 -26.40 -30.13 0.40
C ILE D 147 -27.61 -29.81 1.28
N GLU D 148 -27.87 -28.53 1.50
CA GLU D 148 -28.95 -28.11 2.43
C GLU D 148 -30.11 -27.37 1.76
N GLU D 149 -31.16 -28.13 1.41
CA GLU D 149 -32.34 -27.61 0.69
C GLU D 149 -33.52 -27.24 1.59
N ALA E 3 39.18 44.71 47.60
CA ALA E 3 37.75 44.51 47.24
C ALA E 3 37.53 44.62 45.72
N MSE E 4 37.42 43.45 45.09
CA MSE E 4 37.18 43.30 43.67
C MSE E 4 35.97 42.40 43.48
O MSE E 4 35.73 41.52 44.30
CB MSE E 4 38.40 42.66 42.98
CG MSE E 4 39.68 43.48 43.06
SE MSE E 4 39.56 45.07 41.93
CE MSE E 4 40.74 46.27 42.96
N SER E 5 35.19 42.62 42.41
CA SER E 5 34.05 41.75 42.15
C SER E 5 34.39 40.75 41.04
N ASP E 6 34.19 39.46 41.34
CA ASP E 6 34.36 38.39 40.36
C ASP E 6 33.33 38.48 39.25
N GLY E 7 33.71 39.11 38.15
CA GLY E 7 32.80 39.28 37.02
C GLY E 7 32.73 38.03 36.19
N THR E 8 32.69 36.88 36.86
CA THR E 8 32.80 35.58 36.19
C THR E 8 31.67 35.41 35.18
N ILE E 9 32.06 35.31 33.91
CA ILE E 9 31.13 35.01 32.84
C ILE E 9 31.44 33.59 32.33
N LEU E 10 30.42 32.75 32.28
CA LEU E 10 30.56 31.43 31.69
C LEU E 10 29.88 31.40 30.33
N THR E 11 30.34 30.51 29.45
CA THR E 11 29.70 30.32 28.17
C THR E 11 29.01 28.97 28.17
N ILE E 12 27.73 28.96 27.83
CA ILE E 12 26.90 27.77 27.92
C ILE E 12 26.41 27.40 26.52
N LYS E 13 25.94 26.18 26.33
CA LYS E 13 25.28 25.83 25.08
C LYS E 13 23.77 25.92 25.24
N ARG E 14 23.11 26.58 24.29
CA ARG E 14 21.65 26.65 24.26
C ARG E 14 21.15 26.59 22.83
N PRO E 15 19.89 26.20 22.65
CA PRO E 15 19.30 26.14 21.32
C PRO E 15 18.69 27.46 20.87
N ILE E 16 18.62 27.62 19.56
CA ILE E 16 17.96 28.75 18.92
C ILE E 16 16.81 28.18 18.10
N THR E 17 15.69 28.89 18.06
CA THR E 17 14.58 28.49 17.19
C THR E 17 14.65 29.26 15.90
N VAL E 18 14.37 28.57 14.80
CA VAL E 18 14.31 29.23 13.51
C VAL E 18 12.85 29.36 13.10
N ARG E 19 12.44 30.57 12.76
CA ARG E 19 11.08 30.82 12.29
C ARG E 19 11.11 31.33 10.86
N ALA E 20 10.28 30.76 10.00
CA ALA E 20 10.26 31.14 8.59
C ALA E 20 9.06 32.00 8.22
N VAL E 21 9.31 32.98 7.37
CA VAL E 21 8.26 33.80 6.78
C VAL E 21 7.70 33.04 5.57
N VAL E 22 6.40 32.81 5.57
CA VAL E 22 5.80 32.11 4.44
C VAL E 22 5.97 32.93 3.15
N THR E 23 6.62 32.31 2.18
CA THR E 23 6.81 32.92 0.87
C THR E 23 6.55 31.84 -0.17
N PRO E 24 6.45 32.23 -1.45
CA PRO E 24 6.09 31.23 -2.44
C PRO E 24 7.12 30.10 -2.53
N THR E 25 8.40 30.46 -2.63
CA THR E 25 9.47 29.47 -2.70
C THR E 25 9.54 28.63 -1.43
N TRP E 26 9.27 29.24 -0.28
CA TRP E 26 9.20 28.46 0.95
C TRP E 26 8.14 27.40 0.85
N LYS E 27 6.91 27.81 0.53
CA LYS E 27 5.78 26.90 0.36
C LYS E 27 6.06 25.75 -0.61
N GLU E 28 6.60 26.09 -1.78
CA GLU E 28 6.91 25.10 -2.81
C GLU E 28 7.87 24.01 -2.31
N GLU E 29 8.96 24.43 -1.64
CA GLU E 29 9.94 23.49 -1.09
C GLU E 29 9.32 22.66 0.03
N ALA E 30 8.65 23.34 0.95
CA ALA E 30 7.94 22.67 2.04
C ALA E 30 7.01 21.60 1.50
N GLU E 31 6.21 21.97 0.50
CA GLU E 31 5.24 21.06 -0.12
C GLU E 31 5.92 19.86 -0.78
N ARG E 32 6.91 20.14 -1.62
CA ARG E 32 7.62 19.08 -2.35
C ARG E 32 8.22 18.04 -1.41
N GLU E 33 8.63 18.48 -0.23
CA GLU E 33 9.20 17.58 0.76
C GLU E 33 8.14 16.67 1.36
N ILE E 34 7.08 17.26 1.90
CA ILE E 34 5.95 16.48 2.42
C ILE E 34 5.55 15.41 1.39
N SER E 35 5.32 15.87 0.15
CA SER E 35 4.93 15.01 -0.96
C SER E 35 5.80 13.77 -1.08
N ASN E 36 7.10 13.98 -1.31
CA ASN E 36 8.05 12.87 -1.42
C ASN E 36 8.06 12.01 -0.16
N GLY E 37 7.89 12.66 0.99
CA GLY E 37 7.76 11.95 2.26
C GLY E 37 6.60 10.97 2.20
N ILE E 38 5.40 11.49 1.94
CA ILE E 38 4.19 10.66 1.80
C ILE E 38 4.40 9.55 0.75
N ALA E 39 4.73 9.94 -0.48
CA ALA E 39 4.93 9.00 -1.57
C ALA E 39 5.92 7.90 -1.22
N ASN E 40 6.97 8.28 -0.49
CA ASN E 40 7.95 7.33 0.01
C ASN E 40 7.33 6.35 1.01
N ALA E 41 6.61 6.88 1.99
CA ALA E 41 5.99 6.06 3.05
C ALA E 41 5.09 4.97 2.47
N ASP E 42 4.32 5.34 1.46
CA ASP E 42 3.41 4.41 0.79
C ASP E 42 4.16 3.28 0.10
N GLN E 43 5.18 3.64 -0.67
CA GLN E 43 5.99 2.65 -1.38
C GLN E 43 6.60 1.66 -0.38
N GLN E 44 6.97 2.17 0.80
CA GLN E 44 7.54 1.35 1.86
C GLN E 44 6.51 0.32 2.36
N LEU E 45 5.25 0.76 2.46
CA LEU E 45 4.14 -0.14 2.82
C LEU E 45 3.95 -1.25 1.80
N ALA E 46 4.02 -0.91 0.53
CA ALA E 46 3.81 -1.86 -0.57
C ALA E 46 4.82 -3.00 -0.57
N GLN E 47 6.11 -2.67 -0.51
CA GLN E 47 7.17 -3.68 -0.49
C GLN E 47 7.06 -4.55 0.74
N LEU E 48 6.78 -3.91 1.88
CA LEU E 48 6.60 -4.63 3.15
C LEU E 48 5.53 -5.71 3.03
N GLU E 49 4.38 -5.33 2.49
CA GLU E 49 3.29 -6.27 2.27
C GLU E 49 3.74 -7.39 1.33
N GLN E 50 4.48 -7.03 0.29
CA GLN E 50 4.94 -8.00 -0.70
C GLN E 50 6.02 -8.93 -0.14
N GLU E 51 6.82 -8.41 0.79
CA GLU E 51 7.84 -9.19 1.46
C GLU E 51 7.20 -10.25 2.36
N GLY E 52 6.23 -9.83 3.17
CA GLY E 52 5.46 -10.71 4.03
C GLY E 52 5.06 -11.99 3.34
N GLN E 53 4.50 -11.85 2.14
CA GLN E 53 4.17 -12.98 1.27
C GLN E 53 5.37 -13.88 1.02
N THR E 54 6.43 -13.33 0.44
CA THR E 54 7.62 -14.12 0.09
C THR E 54 8.16 -14.89 1.28
N VAL E 55 8.10 -14.27 2.46
CA VAL E 55 8.60 -14.87 3.68
C VAL E 55 7.72 -16.03 4.15
N VAL E 56 6.41 -15.79 4.18
CA VAL E 56 5.45 -16.83 4.57
C VAL E 56 5.48 -18.00 3.58
N ASP E 57 5.41 -17.68 2.28
CA ASP E 57 5.47 -18.69 1.21
C ASP E 57 6.76 -19.53 1.28
N GLN E 58 7.87 -18.88 1.60
CA GLN E 58 9.15 -19.57 1.85
C GLN E 58 9.05 -20.49 3.05
N VAL E 59 8.53 -19.94 4.16
CA VAL E 59 8.44 -20.66 5.43
C VAL E 59 7.57 -21.90 5.31
N ARG E 60 6.41 -21.76 4.68
CA ARG E 60 5.52 -22.90 4.44
C ARG E 60 6.15 -23.91 3.48
N ARG E 61 6.96 -23.42 2.55
CA ARG E 61 7.53 -24.27 1.51
C ARG E 61 8.73 -25.09 1.99
N GLN E 62 8.78 -25.38 3.29
CA GLN E 62 9.86 -26.18 3.86
C GLN E 62 9.34 -27.36 4.67
N SER E 63 8.67 -27.07 5.78
CA SER E 63 8.16 -28.12 6.68
C SER E 63 7.01 -28.92 6.06
N ALA E 64 7.21 -30.23 5.98
CA ALA E 64 6.26 -31.15 5.34
C ALA E 64 4.82 -30.87 5.79
N ASN E 65 4.58 -31.00 7.09
CA ASN E 65 3.25 -30.81 7.66
C ASN E 65 2.84 -29.34 7.66
N PRO E 66 1.85 -28.99 6.83
CA PRO E 66 1.40 -27.60 6.81
C PRO E 66 0.57 -27.30 8.05
N LEU E 67 -0.12 -28.32 8.56
CA LEU E 67 -0.95 -28.20 9.75
C LEU E 67 -0.10 -28.17 11.02
N ASP E 68 1.18 -28.48 10.89
CA ASP E 68 2.09 -28.48 12.04
C ASP E 68 1.92 -27.21 12.89
N PRO E 69 1.73 -27.38 14.22
CA PRO E 69 1.46 -26.26 15.14
C PRO E 69 2.58 -25.23 15.17
N ARG E 70 3.83 -25.68 15.12
CA ARG E 70 4.98 -24.78 15.21
C ARG E 70 5.19 -23.97 13.92
N VAL E 71 4.44 -24.32 12.87
CA VAL E 71 4.55 -23.64 11.57
C VAL E 71 3.57 -22.47 11.47
N GLN E 72 2.30 -22.74 11.76
CA GLN E 72 1.27 -21.71 11.79
C GLN E 72 1.65 -20.58 12.75
N GLU E 73 2.46 -20.94 13.74
CA GLU E 73 2.94 -19.98 14.74
C GLU E 73 4.03 -19.08 14.17
N GLN E 74 4.88 -19.64 13.31
CA GLN E 74 5.88 -18.84 12.61
C GLN E 74 5.21 -17.84 11.65
N VAL E 75 4.20 -18.33 10.95
CA VAL E 75 3.43 -17.52 9.99
C VAL E 75 2.72 -16.36 10.70
N ALA E 76 2.01 -16.68 11.78
CA ALA E 76 1.32 -15.67 12.57
C ALA E 76 2.30 -14.69 13.18
N ASN E 77 3.50 -15.17 13.46
CA ASN E 77 4.57 -14.31 13.98
C ASN E 77 4.97 -13.30 12.92
N ILE E 78 5.14 -13.77 11.68
CA ILE E 78 5.43 -12.91 10.54
C ILE E 78 4.31 -11.88 10.37
N GLN E 79 3.07 -12.35 10.37
CA GLN E 79 1.90 -11.50 10.21
C GLN E 79 1.82 -10.43 11.28
N GLN E 80 1.90 -10.85 12.55
CA GLN E 80 1.91 -9.91 13.67
C GLN E 80 3.11 -8.98 13.62
N GLN E 81 4.25 -9.48 13.15
CA GLN E 81 5.45 -8.67 12.95
C GLN E 81 5.19 -7.59 11.90
N VAL E 82 4.59 -7.98 10.78
CA VAL E 82 4.30 -7.07 9.67
C VAL E 82 3.25 -6.04 10.02
N ALA E 83 2.32 -6.41 10.90
CA ALA E 83 1.23 -5.54 11.33
C ALA E 83 1.71 -4.29 12.09
N GLY E 84 2.70 -4.46 12.94
CA GLY E 84 3.28 -3.36 13.71
C GLY E 84 4.05 -2.41 12.83
N LYS E 85 4.75 -2.96 11.84
CA LYS E 85 5.51 -2.20 10.86
C LYS E 85 4.57 -1.37 9.98
N ARG E 86 3.51 -2.03 9.48
CA ARG E 86 2.47 -1.36 8.68
C ARG E 86 1.81 -0.25 9.51
N SER E 87 1.55 -0.55 10.78
CA SER E 87 0.97 0.41 11.72
C SER E 87 1.80 1.68 11.85
N GLU E 88 3.11 1.51 12.05
CA GLU E 88 4.04 2.65 12.18
C GLU E 88 4.06 3.55 10.95
N LEU E 89 4.26 2.95 9.78
CA LEU E 89 4.30 3.70 8.54
C LEU E 89 3.01 4.49 8.30
N GLU E 90 1.89 3.93 8.74
CA GLU E 90 0.59 4.58 8.55
C GLU E 90 0.40 5.78 9.47
N GLU E 91 1.04 5.76 10.63
CA GLU E 91 0.99 6.89 11.57
C GLU E 91 1.86 8.05 11.09
N GLN E 92 3.02 7.75 10.52
CA GLN E 92 3.88 8.73 9.87
C GLN E 92 3.15 9.39 8.70
N LYS E 93 2.53 8.55 7.88
CA LYS E 93 1.78 8.98 6.70
C LYS E 93 0.59 9.86 7.11
N ARG E 94 -0.13 9.42 8.14
CA ARG E 94 -1.25 10.17 8.70
C ARG E 94 -0.74 11.54 9.12
N ASN E 95 0.42 11.55 9.76
CA ASN E 95 1.06 12.75 10.26
C ASN E 95 1.47 13.71 9.16
N LEU E 96 2.14 13.18 8.14
CA LEU E 96 2.56 13.97 7.00
C LEU E 96 1.36 14.58 6.29
N LEU E 97 0.30 13.79 6.11
CA LEU E 97 -0.93 14.28 5.48
C LEU E 97 -1.48 15.48 6.24
N GLN E 98 -1.46 15.41 7.57
CA GLN E 98 -1.86 16.53 8.41
C GLN E 98 -1.02 17.76 8.11
N GLN E 99 0.29 17.58 8.04
CA GLN E 99 1.20 18.68 7.73
C GLN E 99 0.85 19.31 6.39
N GLN E 100 0.76 18.48 5.35
CA GLN E 100 0.40 18.92 4.01
C GLN E 100 -0.82 19.86 4.02
N ALA E 101 -1.80 19.56 4.86
CA ALA E 101 -2.95 20.43 5.05
C ALA E 101 -2.54 21.82 5.55
N GLN E 102 -1.81 21.88 6.67
CA GLN E 102 -1.35 23.16 7.24
C GLN E 102 -0.58 23.98 6.22
N VAL E 103 0.39 23.35 5.57
CA VAL E 103 1.26 24.03 4.61
C VAL E 103 0.43 24.72 3.55
N ARG E 104 -0.42 23.95 2.88
CA ARG E 104 -1.25 24.49 1.79
C ARG E 104 -2.17 25.61 2.24
N GLU E 105 -2.36 25.72 3.55
CA GLU E 105 -3.33 26.64 4.12
C GLU E 105 -2.67 27.87 4.76
N LEU E 106 -1.35 27.98 4.61
CA LEU E 106 -0.63 29.09 5.21
C LEU E 106 -0.66 30.31 4.31
N GLU E 107 -1.01 31.46 4.88
CA GLU E 107 -1.00 32.73 4.14
C GLU E 107 0.40 33.34 4.12
N MSE E 108 0.79 33.83 2.96
CA MSE E 108 2.09 34.47 2.78
C MSE E 108 2.36 35.52 3.85
O MSE E 108 1.47 36.27 4.26
CB MSE E 108 2.18 35.09 1.39
CG MSE E 108 1.75 34.12 0.33
SE MSE E 108 3.18 32.87 -0.03
CE MSE E 108 3.87 33.90 -1.50
N ASP E 109 3.62 35.56 4.30
CA ASP E 109 4.08 36.49 5.34
C ASP E 109 3.63 36.12 6.76
N GLN E 110 3.00 34.96 6.92
CA GLN E 110 2.82 34.39 8.24
C GLN E 110 4.18 33.87 8.67
N ILE E 111 4.34 33.65 9.97
CA ILE E 111 5.62 33.13 10.47
C ILE E 111 5.45 31.74 11.09
N VAL E 112 6.13 30.74 10.52
CA VAL E 112 6.09 29.38 11.06
C VAL E 112 7.36 28.96 11.74
N GLU E 113 7.22 27.97 12.62
CA GLU E 113 8.34 27.33 13.29
C GLU E 113 9.13 26.48 12.29
N GLN E 114 10.43 26.41 12.46
CA GLN E 114 11.28 25.57 11.61
C GLN E 114 12.05 24.47 12.32
N GLY E 115 12.51 24.76 13.53
CA GLY E 115 13.34 23.80 14.28
C GLY E 115 14.51 24.48 14.93
N GLN E 116 15.33 23.69 15.60
CA GLN E 116 16.43 24.22 16.41
C GLN E 116 17.73 24.42 15.63
N LEU E 117 18.60 25.27 16.16
CA LEU E 117 20.01 25.33 15.80
C LEU E 117 20.79 25.39 17.10
N GLU E 118 21.86 24.61 17.20
CA GLU E 118 22.72 24.67 18.38
C GLU E 118 23.44 25.99 18.41
N SER E 119 23.34 26.67 19.54
CA SER E 119 23.96 27.99 19.71
C SER E 119 24.74 28.02 21.01
N SER E 120 25.38 29.15 21.25
CA SER E 120 26.00 29.37 22.54
C SER E 120 25.89 30.85 22.92
N CYS E 121 25.84 31.09 24.22
CA CYS E 121 25.88 32.44 24.73
C CYS E 121 26.60 32.46 26.07
N GLU E 122 26.55 33.62 26.73
CA GLU E 122 27.21 33.80 27.99
C GLU E 122 26.20 33.88 29.10
N ILE E 123 26.62 33.49 30.29
CA ILE E 123 25.79 33.67 31.46
C ILE E 123 26.60 34.28 32.58
N LYS E 124 25.89 34.93 33.49
CA LYS E 124 26.51 35.52 34.65
C LYS E 124 25.39 35.75 35.65
N VAL E 125 25.74 36.05 36.90
CA VAL E 125 24.75 36.25 37.94
C VAL E 125 23.68 37.22 37.45
N GLY E 126 22.42 36.84 37.62
CA GLY E 126 21.32 37.70 37.22
C GLY E 126 20.64 37.25 35.95
N ASP E 127 21.37 36.56 35.07
CA ASP E 127 20.75 35.99 33.88
C ASP E 127 19.63 35.03 34.30
N ASN E 128 18.57 35.02 33.51
CA ASN E 128 17.53 34.01 33.65
C ASN E 128 17.79 32.86 32.70
N LEU E 129 18.06 31.71 33.27
CA LEU E 129 18.52 30.56 32.51
C LEU E 129 17.48 30.12 31.50
N VAL E 130 16.21 30.09 31.92
CA VAL E 130 15.12 29.74 31.02
C VAL E 130 15.09 30.67 29.81
N GLU E 131 15.13 31.97 30.06
CA GLU E 131 15.08 32.97 29.00
C GLU E 131 16.16 32.74 27.96
N LYS E 132 17.35 32.38 28.43
CA LYS E 132 18.47 32.08 27.53
C LYS E 132 18.16 30.91 26.60
N MSE E 133 17.38 29.95 27.08
CA MSE E 133 16.98 28.79 26.27
C MSE E 133 15.90 29.10 25.22
O MSE E 133 15.47 28.20 24.50
CB MSE E 133 16.50 27.61 27.16
CG MSE E 133 17.42 27.23 28.29
SE MSE E 133 19.22 26.71 27.76
CE MSE E 133 20.19 27.50 29.25
N GLN E 134 15.45 30.35 25.13
CA GLN E 134 14.32 30.63 24.25
C GLN E 134 14.50 31.82 23.33
N VAL E 135 15.67 31.90 22.70
CA VAL E 135 15.89 32.86 21.64
C VAL E 135 15.44 32.30 20.28
N ALA E 136 14.94 33.16 19.39
CA ALA E 136 14.51 32.76 18.04
C ALA E 136 15.00 33.72 16.97
N ILE E 137 15.14 33.23 15.74
CA ILE E 137 15.37 34.10 14.58
C ILE E 137 14.28 33.93 13.55
N VAL E 138 13.96 35.02 12.86
CA VAL E 138 12.97 34.98 11.79
C VAL E 138 13.68 35.10 10.44
N VAL E 139 13.41 34.17 9.54
CA VAL E 139 14.08 34.15 8.24
C VAL E 139 13.10 34.30 7.07
N ARG E 140 13.32 35.32 6.25
CA ARG E 140 12.59 35.47 5.00
C ARG E 140 13.48 34.98 3.88
N ASP E 141 13.17 33.78 3.40
CA ASP E 141 13.89 33.17 2.27
C ASP E 141 15.40 33.32 2.43
N GLY E 142 15.95 32.66 3.44
CA GLY E 142 17.39 32.63 3.64
C GLY E 142 18.02 33.86 4.28
N VAL E 143 17.27 34.95 4.43
CA VAL E 143 17.78 36.16 5.08
C VAL E 143 17.13 36.46 6.43
N ILE E 144 17.93 36.92 7.39
CA ILE E 144 17.45 37.17 8.75
C ILE E 144 16.73 38.51 8.84
N GLN E 145 15.46 38.45 9.23
CA GLN E 145 14.67 39.66 9.43
C GLN E 145 14.81 40.21 10.83
N SER E 146 14.86 39.32 11.83
CA SER E 146 14.98 39.75 13.23
C SER E 146 15.39 38.66 14.20
N ILE E 147 15.92 39.09 15.33
CA ILE E 147 16.21 38.21 16.45
C ILE E 147 15.21 38.54 17.54
N GLU E 148 14.49 37.51 18.00
CA GLU E 148 13.43 37.67 19.00
C GLU E 148 13.84 37.05 20.32
N GLU E 149 13.68 37.81 21.41
CA GLU E 149 13.91 37.31 22.76
C GLU E 149 12.80 36.32 23.13
N ALA F 3 11.52 41.12 20.71
CA ALA F 3 12.30 41.94 19.74
C ALA F 3 13.59 42.45 20.38
N MSE F 4 14.69 41.73 20.16
CA MSE F 4 15.98 41.98 20.83
C MSE F 4 16.71 43.25 20.42
O MSE F 4 16.15 44.13 19.76
CB MSE F 4 16.90 40.75 20.70
CG MSE F 4 16.66 39.69 21.74
SE MSE F 4 18.05 38.31 21.80
CE MSE F 4 19.50 39.36 22.59
N SER F 5 17.97 43.34 20.85
CA SER F 5 18.80 44.54 20.69
C SER F 5 19.27 44.78 19.24
N ASP F 6 19.64 46.03 18.96
CA ASP F 6 20.02 46.49 17.61
C ASP F 6 21.25 45.77 17.04
N GLY F 7 22.26 45.55 17.88
CA GLY F 7 23.52 44.96 17.43
C GLY F 7 23.76 43.53 17.88
N THR F 8 22.70 42.83 18.26
CA THR F 8 22.77 41.44 18.70
C THR F 8 23.42 40.55 17.65
N ILE F 9 24.46 39.84 18.05
CA ILE F 9 25.11 38.87 17.20
C ILE F 9 25.02 37.51 17.87
N LEU F 10 24.42 36.55 17.21
CA LEU F 10 24.40 35.20 17.75
C LEU F 10 25.50 34.42 17.08
N THR F 11 25.96 33.37 17.76
CA THR F 11 26.85 32.41 17.16
C THR F 11 26.14 31.07 17.15
N ILE F 12 26.19 30.40 16.01
CA ILE F 12 25.55 29.11 15.88
C ILE F 12 26.52 28.08 15.33
N LYS F 13 26.11 26.82 15.42
CA LYS F 13 26.89 25.70 14.96
C LYS F 13 26.57 25.46 13.47
N ARG F 14 27.62 25.23 12.68
CA ARG F 14 27.46 24.95 11.25
C ARG F 14 28.62 24.15 10.69
N PRO F 15 28.33 23.29 9.71
CA PRO F 15 29.41 22.43 9.27
C PRO F 15 30.32 23.12 8.25
N ILE F 16 31.48 22.52 8.03
CA ILE F 16 32.40 22.95 7.00
C ILE F 16 32.69 21.73 6.14
N THR F 17 32.50 21.90 4.83
CA THR F 17 32.89 20.88 3.88
C THR F 17 34.41 20.92 3.69
N VAL F 18 35.06 19.78 3.93
CA VAL F 18 36.51 19.69 3.74
C VAL F 18 36.81 19.10 2.37
N ARG F 19 37.62 19.81 1.60
CA ARG F 19 38.04 19.33 0.27
C ARG F 19 39.56 19.18 0.16
N ALA F 20 39.99 18.24 -0.67
CA ALA F 20 41.41 17.94 -0.82
C ALA F 20 41.92 18.19 -2.24
N VAL F 21 43.18 18.61 -2.33
CA VAL F 21 43.87 18.76 -3.60
C VAL F 21 44.53 17.43 -3.98
N VAL F 22 44.30 16.99 -5.22
CA VAL F 22 44.89 15.74 -5.71
C VAL F 22 46.39 15.93 -5.84
N THR F 23 47.13 15.24 -4.99
CA THR F 23 48.59 15.26 -5.01
C THR F 23 49.13 13.82 -4.99
N PRO F 24 50.41 13.63 -5.38
CA PRO F 24 51.04 12.32 -5.20
C PRO F 24 50.79 11.75 -3.79
N THR F 25 51.10 12.56 -2.79
CA THR F 25 50.95 12.20 -1.38
C THR F 25 49.52 11.75 -1.09
N TRP F 26 48.55 12.48 -1.63
CA TRP F 26 47.14 12.17 -1.45
C TRP F 26 46.77 10.88 -2.13
N LYS F 27 47.18 10.73 -3.38
CA LYS F 27 46.90 9.55 -4.20
C LYS F 27 47.46 8.28 -3.57
N GLU F 28 48.70 8.37 -3.10
CA GLU F 28 49.37 7.26 -2.43
C GLU F 28 48.58 6.82 -1.20
N GLU F 29 48.28 7.78 -0.32
CA GLU F 29 47.52 7.50 0.90
C GLU F 29 46.11 7.01 0.58
N ALA F 30 45.50 7.57 -0.48
CA ALA F 30 44.17 7.15 -0.93
C ALA F 30 44.14 5.67 -1.28
N GLU F 31 45.18 5.22 -1.96
CA GLU F 31 45.26 3.83 -2.39
C GLU F 31 45.55 2.83 -1.26
N ARG F 32 46.44 3.16 -0.34
CA ARG F 32 46.76 2.22 0.75
C ARG F 32 45.48 1.90 1.54
N GLU F 33 44.67 2.92 1.79
CA GLU F 33 43.40 2.74 2.49
C GLU F 33 42.41 1.93 1.66
N ILE F 34 42.17 2.37 0.42
CA ILE F 34 41.27 1.68 -0.50
C ILE F 34 41.70 0.23 -0.73
N SER F 35 43.00 0.05 -0.95
CA SER F 35 43.58 -1.26 -1.22
C SER F 35 43.36 -2.22 -0.04
N ASN F 36 43.59 -1.71 1.16
CA ASN F 36 43.37 -2.48 2.37
C ASN F 36 41.90 -2.73 2.64
N GLY F 37 41.06 -1.77 2.25
CA GLY F 37 39.61 -1.94 2.26
C GLY F 37 39.15 -3.08 1.38
N ILE F 38 39.78 -3.20 0.21
CA ILE F 38 39.46 -4.27 -0.75
C ILE F 38 39.90 -5.64 -0.21
N ALA F 39 41.13 -5.74 0.28
CA ALA F 39 41.67 -7.00 0.82
C ALA F 39 40.77 -7.55 1.94
N ASN F 40 40.32 -6.66 2.82
CA ASN F 40 39.39 -6.98 3.89
C ASN F 40 38.06 -7.56 3.43
N ALA F 41 37.38 -6.84 2.55
CA ALA F 41 36.14 -7.32 1.94
C ALA F 41 36.33 -8.69 1.27
N ASP F 42 37.45 -8.86 0.55
CA ASP F 42 37.81 -10.11 -0.12
C ASP F 42 38.00 -11.28 0.87
N GLN F 43 38.85 -11.09 1.89
CA GLN F 43 39.09 -12.10 2.92
C GLN F 43 37.79 -12.58 3.55
N GLN F 44 36.97 -11.63 3.99
CA GLN F 44 35.72 -11.94 4.67
C GLN F 44 34.73 -12.62 3.75
N LEU F 45 34.79 -12.30 2.47
CA LEU F 45 33.96 -12.96 1.47
C LEU F 45 34.44 -14.38 1.16
N ALA F 46 35.75 -14.57 1.11
CA ALA F 46 36.35 -15.85 0.72
C ALA F 46 36.11 -16.98 1.73
N GLN F 47 35.76 -16.63 2.96
CA GLN F 47 35.48 -17.62 4.01
C GLN F 47 34.05 -17.54 4.54
N LEU F 48 33.23 -16.70 3.91
CA LEU F 48 31.85 -16.47 4.32
C LEU F 48 30.99 -17.71 4.22
N GLU F 49 31.15 -18.44 3.12
CA GLU F 49 30.38 -19.66 2.88
C GLU F 49 30.69 -20.76 3.88
N GLN F 50 31.95 -20.87 4.29
CA GLN F 50 32.33 -21.85 5.30
C GLN F 50 31.70 -21.52 6.64
N GLU F 51 31.89 -20.28 7.10
CA GLU F 51 31.34 -19.83 8.38
C GLU F 51 29.83 -20.06 8.47
N GLY F 52 29.19 -20.14 7.30
CA GLY F 52 27.77 -20.43 7.22
C GLY F 52 27.45 -21.91 7.36
N GLN F 53 28.15 -22.73 6.58
CA GLN F 53 27.96 -24.19 6.59
C GLN F 53 28.10 -24.75 7.98
N THR F 54 29.24 -24.46 8.60
CA THR F 54 29.54 -24.91 9.96
C THR F 54 28.34 -24.70 10.88
N VAL F 55 27.90 -23.44 11.00
CA VAL F 55 26.81 -23.08 11.90
C VAL F 55 25.55 -23.88 11.59
N VAL F 56 25.26 -24.06 10.30
CA VAL F 56 24.10 -24.83 9.85
C VAL F 56 24.22 -26.28 10.29
N ASP F 57 25.36 -26.89 10.01
CA ASP F 57 25.63 -28.28 10.36
C ASP F 57 25.66 -28.50 11.86
N GLN F 58 26.05 -27.47 12.59
CA GLN F 58 26.05 -27.49 14.05
C GLN F 58 24.63 -27.74 14.56
N VAL F 59 23.68 -26.97 14.05
CA VAL F 59 22.27 -27.07 14.42
C VAL F 59 21.71 -28.44 14.02
N ARG F 60 22.13 -28.92 12.85
CA ARG F 60 21.67 -30.19 12.30
C ARG F 60 22.16 -31.41 13.09
N ARG F 61 23.40 -31.37 13.58
CA ARG F 61 23.93 -32.43 14.43
C ARG F 61 23.29 -32.36 15.81
N GLN F 62 23.14 -31.15 16.33
CA GLN F 62 22.63 -30.92 17.69
C GLN F 62 21.13 -31.11 17.87
N SER F 63 20.46 -31.64 16.84
CA SER F 63 19.03 -31.89 16.92
C SER F 63 18.72 -33.37 16.83
N ALA F 64 17.69 -33.78 17.56
CA ALA F 64 17.21 -35.16 17.54
C ALA F 64 16.76 -35.55 16.11
N ASN F 65 15.68 -34.93 15.65
CA ASN F 65 15.28 -35.04 14.26
C ASN F 65 15.57 -33.74 13.53
N PRO F 66 16.51 -33.78 12.57
CA PRO F 66 16.83 -32.59 11.77
C PRO F 66 15.62 -32.00 11.01
N LEU F 67 14.55 -32.78 10.86
CA LEU F 67 13.37 -32.34 10.09
C LEU F 67 12.30 -31.60 10.90
N ASP F 68 12.59 -31.39 12.19
CA ASP F 68 11.67 -30.65 13.05
C ASP F 68 11.61 -29.19 12.59
N PRO F 69 10.40 -28.69 12.27
CA PRO F 69 10.19 -27.31 11.85
C PRO F 69 11.01 -26.27 12.63
N ARG F 70 11.24 -26.53 13.92
CA ARG F 70 12.06 -25.65 14.77
C ARG F 70 13.48 -25.46 14.22
N VAL F 71 14.09 -26.56 13.79
CA VAL F 71 15.45 -26.56 13.26
C VAL F 71 15.53 -25.78 11.95
N GLN F 72 14.69 -26.17 10.98
CA GLN F 72 14.65 -25.51 9.67
C GLN F 72 14.48 -24.00 9.77
N GLU F 73 13.77 -23.57 10.82
CA GLU F 73 13.56 -22.16 11.13
C GLU F 73 14.88 -21.48 11.45
N GLN F 74 15.67 -22.13 12.30
CA GLN F 74 16.98 -21.63 12.67
C GLN F 74 17.89 -21.58 11.45
N VAL F 75 17.79 -22.60 10.59
CA VAL F 75 18.56 -22.66 9.34
C VAL F 75 18.12 -21.54 8.40
N ALA F 76 16.82 -21.26 8.39
CA ALA F 76 16.29 -20.11 7.63
C ALA F 76 16.94 -18.78 8.06
N ASN F 77 17.18 -18.63 9.37
CA ASN F 77 17.81 -17.43 9.93
C ASN F 77 19.28 -17.28 9.57
N ILE F 78 20.00 -18.40 9.56
CA ILE F 78 21.41 -18.41 9.19
C ILE F 78 21.59 -18.04 7.71
N GLN F 79 20.66 -18.49 6.88
CA GLN F 79 20.64 -18.11 5.46
C GLN F 79 20.33 -16.63 5.31
N GLN F 80 19.53 -16.08 6.23
CA GLN F 80 19.14 -14.66 6.24
C GLN F 80 20.37 -13.78 6.35
N GLN F 81 21.16 -14.06 7.38
CA GLN F 81 22.34 -13.31 7.71
C GLN F 81 23.36 -13.43 6.58
N VAL F 82 23.79 -14.65 6.28
CA VAL F 82 24.68 -14.91 5.15
C VAL F 82 24.30 -14.09 3.91
N ALA F 83 23.01 -14.02 3.61
CA ALA F 83 22.54 -13.21 2.48
C ALA F 83 22.90 -11.72 2.66
N GLY F 84 22.40 -11.10 3.72
CA GLY F 84 22.64 -9.68 4.01
C GLY F 84 24.10 -9.33 4.21
N LYS F 85 24.81 -10.22 4.92
CA LYS F 85 26.25 -10.12 5.15
C LYS F 85 27.03 -9.97 3.84
N ARG F 86 26.65 -10.77 2.86
CA ARG F 86 27.24 -10.75 1.52
C ARG F 86 26.85 -9.48 0.76
N SER F 87 25.59 -9.05 0.88
CA SER F 87 25.11 -7.82 0.23
C SER F 87 25.93 -6.61 0.64
N GLU F 88 26.07 -6.43 1.96
CA GLU F 88 26.94 -5.41 2.51
C GLU F 88 28.34 -5.51 1.92
N LEU F 89 28.97 -6.67 2.09
CA LEU F 89 30.34 -6.93 1.64
C LEU F 89 30.60 -6.74 0.14
N GLU F 90 29.71 -7.27 -0.69
CA GLU F 90 29.87 -7.17 -2.15
C GLU F 90 29.73 -5.75 -2.65
N GLU F 91 28.88 -4.97 -1.97
CA GLU F 91 28.59 -3.61 -2.39
C GLU F 91 29.65 -2.62 -1.91
N GLN F 92 30.27 -2.87 -0.76
CA GLN F 92 31.39 -2.02 -0.31
C GLN F 92 32.69 -2.27 -1.11
N LYS F 93 32.88 -3.53 -1.54
CA LYS F 93 33.97 -3.88 -2.46
C LYS F 93 33.73 -3.21 -3.81
N ARG F 94 32.46 -3.07 -4.19
CA ARG F 94 32.10 -2.44 -5.47
C ARG F 94 32.42 -0.94 -5.43
N ASN F 95 32.16 -0.33 -4.29
CA ASN F 95 32.43 1.09 -4.08
C ASN F 95 33.91 1.37 -4.03
N LEU F 96 34.65 0.48 -3.36
CA LEU F 96 36.10 0.60 -3.25
C LEU F 96 36.79 0.53 -4.61
N LEU F 97 36.27 -0.29 -5.51
CA LEU F 97 36.82 -0.41 -6.87
C LEU F 97 36.50 0.80 -7.72
N GLN F 98 35.30 1.38 -7.53
CA GLN F 98 34.94 2.64 -8.20
C GLN F 98 35.92 3.71 -7.80
N GLN F 99 36.07 3.86 -6.47
CA GLN F 99 37.03 4.77 -5.84
C GLN F 99 38.45 4.56 -6.35
N GLN F 100 38.88 3.30 -6.38
CA GLN F 100 40.17 2.92 -6.91
C GLN F 100 40.38 3.46 -8.33
N ALA F 101 39.40 3.24 -9.21
CA ALA F 101 39.45 3.71 -10.60
C ALA F 101 39.44 5.24 -10.71
N GLN F 102 38.66 5.88 -9.85
CA GLN F 102 38.56 7.32 -9.81
C GLN F 102 39.85 7.96 -9.34
N VAL F 103 40.46 7.40 -8.29
CA VAL F 103 41.76 7.90 -7.77
C VAL F 103 42.84 7.84 -8.85
N ARG F 104 42.76 6.83 -9.70
CA ARG F 104 43.74 6.72 -10.77
C ARG F 104 43.36 7.56 -11.98
N GLU F 105 42.10 7.93 -12.10
CA GLU F 105 41.68 8.80 -13.20
C GLU F 105 41.67 10.31 -12.88
N LEU F 106 41.85 10.63 -11.60
CA LEU F 106 41.94 12.02 -11.16
C LEU F 106 43.27 12.63 -11.58
N GLU F 107 43.19 13.78 -12.25
CA GLU F 107 44.38 14.52 -12.60
C GLU F 107 44.88 15.29 -11.39
N MSE F 108 46.18 15.56 -11.37
CA MSE F 108 46.81 16.33 -10.29
C MSE F 108 46.27 17.76 -10.20
O MSE F 108 45.86 18.35 -11.22
CB MSE F 108 48.34 16.33 -10.44
CG MSE F 108 48.99 14.96 -10.25
SE MSE F 108 48.75 14.29 -8.44
CE MSE F 108 49.53 12.54 -8.66
N ASP F 109 46.28 18.31 -8.98
CA ASP F 109 45.81 19.68 -8.67
C ASP F 109 44.28 19.85 -8.72
N GLN F 110 43.55 18.75 -8.89
CA GLN F 110 42.08 18.77 -8.83
C GLN F 110 41.59 18.68 -7.39
N ILE F 111 40.49 19.36 -7.13
CA ILE F 111 39.92 19.39 -5.80
C ILE F 111 38.86 18.31 -5.69
N VAL F 112 38.90 17.57 -4.58
CA VAL F 112 37.96 16.49 -4.35
C VAL F 112 37.24 16.67 -3.02
N GLU F 113 35.93 16.43 -3.07
CA GLU F 113 35.07 16.39 -1.90
C GLU F 113 35.62 15.36 -0.92
N GLN F 114 35.66 15.67 0.37
CA GLN F 114 36.29 14.75 1.32
C GLN F 114 36.05 15.00 2.81
N GLY F 115 34.82 14.81 3.26
CA GLY F 115 34.53 14.95 4.68
C GLY F 115 33.91 16.27 5.14
N GLN F 116 33.69 16.37 6.45
CA GLN F 116 32.99 17.49 7.08
C GLN F 116 33.57 17.80 8.44
N LEU F 117 33.70 19.08 8.77
CA LEU F 117 34.16 19.46 10.09
C LEU F 117 33.12 20.33 10.80
N GLU F 118 32.92 20.07 12.09
CA GLU F 118 31.98 20.87 12.86
C GLU F 118 32.60 22.23 13.17
N SER F 119 31.93 23.28 12.71
CA SER F 119 32.37 24.67 12.89
C SER F 119 31.31 25.50 13.60
N SER F 120 31.61 26.79 13.75
CA SER F 120 30.62 27.72 14.22
C SER F 120 30.89 29.07 13.57
N CYS F 121 29.87 29.92 13.53
CA CYS F 121 30.01 31.28 13.02
C CYS F 121 29.03 32.21 13.70
N GLU F 122 29.21 33.50 13.46
CA GLU F 122 28.30 34.54 13.91
C GLU F 122 27.27 34.93 12.85
N ILE F 123 26.05 35.12 13.29
CA ILE F 123 24.96 35.54 12.40
C ILE F 123 24.32 36.77 13.02
N LYS F 124 23.74 37.62 12.18
CA LYS F 124 22.98 38.79 12.65
C LYS F 124 22.02 39.22 11.56
N VAL F 125 21.05 40.06 11.91
CA VAL F 125 20.04 40.54 10.98
C VAL F 125 20.69 41.00 9.69
N GLY F 126 20.18 40.50 8.56
CA GLY F 126 20.70 40.88 7.24
C GLY F 126 21.61 39.84 6.63
N ASP F 127 22.09 38.94 7.49
CA ASP F 127 22.91 37.82 7.05
C ASP F 127 22.07 36.79 6.31
N ASN F 128 22.67 36.18 5.29
CA ASN F 128 22.04 35.05 4.60
C ASN F 128 22.38 33.72 5.29
N LEU F 129 21.43 33.20 6.03
CA LEU F 129 21.64 32.00 6.83
C LEU F 129 22.00 30.81 5.98
N VAL F 130 21.37 30.70 4.82
CA VAL F 130 21.67 29.60 3.90
C VAL F 130 23.15 29.65 3.50
N GLU F 131 23.61 30.84 3.12
CA GLU F 131 25.01 31.05 2.72
C GLU F 131 26.03 30.75 3.82
N LYS F 132 25.63 30.95 5.08
CA LYS F 132 26.48 30.63 6.24
C LYS F 132 26.71 29.12 6.39
N MSE F 133 25.75 28.33 5.91
CA MSE F 133 25.82 26.89 6.02
C MSE F 133 26.46 26.28 4.75
O MSE F 133 26.32 25.08 4.52
CB MSE F 133 24.44 26.30 6.28
CG MSE F 133 23.55 27.12 7.21
SE MSE F 133 23.86 26.87 9.12
CE MSE F 133 22.84 25.23 9.34
N GLN F 134 27.13 27.09 3.93
CA GLN F 134 27.76 26.58 2.71
C GLN F 134 29.20 27.07 2.58
N VAL F 135 30.08 26.57 3.44
CA VAL F 135 31.47 27.03 3.51
C VAL F 135 32.43 25.84 3.43
N ALA F 136 33.39 25.91 2.50
CA ALA F 136 34.35 24.83 2.30
C ALA F 136 35.81 25.22 2.59
N ILE F 137 36.62 24.20 2.80
CA ILE F 137 38.04 24.37 3.07
C ILE F 137 38.78 23.56 2.01
N VAL F 138 39.69 24.20 1.27
CA VAL F 138 40.52 23.41 0.36
C VAL F 138 41.88 23.09 1.00
N VAL F 139 42.19 21.81 1.14
CA VAL F 139 43.46 21.39 1.75
C VAL F 139 44.37 20.64 0.79
N ARG F 140 45.60 21.15 0.66
CA ARG F 140 46.61 20.50 -0.14
C ARG F 140 47.68 19.96 0.80
N ASP F 141 47.72 18.63 0.91
CA ASP F 141 48.66 17.94 1.79
C ASP F 141 48.80 18.57 3.16
N GLY F 142 47.69 18.61 3.91
CA GLY F 142 47.69 19.12 5.29
C GLY F 142 47.63 20.62 5.48
N VAL F 143 47.96 21.38 4.44
CA VAL F 143 47.96 22.84 4.52
C VAL F 143 46.75 23.42 3.79
N ILE F 144 46.04 24.32 4.47
CA ILE F 144 44.82 24.94 3.95
C ILE F 144 45.14 25.89 2.80
N GLN F 145 44.70 25.51 1.60
CA GLN F 145 45.01 26.29 0.41
C GLN F 145 44.09 27.50 0.30
N SER F 146 42.79 27.26 0.38
CA SER F 146 41.83 28.34 0.30
C SER F 146 40.58 28.07 1.13
N ILE F 147 39.72 29.08 1.20
CA ILE F 147 38.44 28.99 1.88
C ILE F 147 37.39 29.48 0.90
N GLU F 148 36.56 28.57 0.40
CA GLU F 148 35.51 28.95 -0.54
C GLU F 148 34.21 29.17 0.21
N GLU F 149 33.44 30.16 -0.22
CA GLU F 149 32.22 30.59 0.45
C GLU F 149 31.15 30.93 -0.57
N THR G 8 40.22 35.89 6.74
CA THR G 8 39.13 34.99 7.25
C THR G 8 39.61 33.88 8.20
N ILE G 9 39.15 33.98 9.44
CA ILE G 9 39.43 32.99 10.49
C ILE G 9 38.20 32.10 10.65
N LEU G 10 38.42 30.79 10.63
CA LEU G 10 37.34 29.84 10.86
C LEU G 10 37.56 29.15 12.18
N THR G 11 36.46 28.77 12.81
CA THR G 11 36.53 28.08 14.08
C THR G 11 36.00 26.67 13.90
N ILE G 12 36.87 25.70 14.13
CA ILE G 12 36.49 24.30 14.03
C ILE G 12 36.68 23.60 15.36
N LYS G 13 36.01 22.46 15.48
CA LYS G 13 36.20 21.56 16.59
C LYS G 13 37.26 20.56 16.18
N ARG G 14 38.21 20.34 17.09
CA ARG G 14 39.24 19.31 16.93
C ARG G 14 39.41 18.63 18.28
N PRO G 15 39.81 17.35 18.29
CA PRO G 15 39.99 16.67 19.56
C PRO G 15 41.36 16.91 20.14
N ILE G 16 41.49 16.73 21.46
CA ILE G 16 42.79 16.82 22.12
C ILE G 16 43.11 15.48 22.76
N THR G 17 44.31 14.97 22.52
CA THR G 17 44.75 13.75 23.18
C THR G 17 45.17 14.06 24.62
N VAL G 18 44.67 13.28 25.57
CA VAL G 18 45.07 13.48 26.96
C VAL G 18 46.04 12.39 27.37
N ARG G 19 47.20 12.81 27.86
CA ARG G 19 48.21 11.88 28.32
C ARG G 19 48.46 12.07 29.81
N ALA G 20 48.65 10.97 30.52
CA ALA G 20 48.99 11.04 31.94
C ALA G 20 50.42 10.59 32.23
N VAL G 21 50.95 11.07 33.34
CA VAL G 21 52.29 10.73 33.77
C VAL G 21 52.21 9.63 34.82
N VAL G 22 52.98 8.56 34.60
CA VAL G 22 52.98 7.44 35.53
C VAL G 22 53.36 7.92 36.94
N THR G 23 52.45 7.68 37.88
CA THR G 23 52.52 8.29 39.19
C THR G 23 52.13 7.28 40.24
N PRO G 24 52.70 7.39 41.44
CA PRO G 24 52.21 6.55 42.52
C PRO G 24 50.69 6.61 42.67
N THR G 25 50.09 7.76 42.39
CA THR G 25 48.65 7.91 42.49
C THR G 25 47.98 7.28 41.28
N TRP G 26 48.51 7.59 40.11
CA TRP G 26 47.97 7.06 38.88
C TRP G 26 48.06 5.57 38.82
N LYS G 27 49.18 5.01 39.27
CA LYS G 27 49.31 3.57 39.36
C LYS G 27 48.26 3.01 40.31
N GLU G 28 48.15 3.62 41.49
CA GLU G 28 47.27 3.10 42.54
C GLU G 28 45.85 2.90 42.03
N GLU G 29 45.34 3.87 41.28
CA GLU G 29 44.00 3.79 40.75
C GLU G 29 43.90 2.77 39.62
N ALA G 30 44.75 2.92 38.61
CA ALA G 30 44.80 1.95 37.52
C ALA G 30 44.83 0.52 38.06
N GLU G 31 45.69 0.29 39.06
CA GLU G 31 45.82 -1.00 39.72
C GLU G 31 44.49 -1.47 40.33
N ARG G 32 43.74 -0.56 40.95
CA ARG G 32 42.50 -0.93 41.65
C ARG G 32 41.39 -1.26 40.67
N GLU G 33 41.21 -0.38 39.69
CA GLU G 33 40.18 -0.54 38.68
C GLU G 33 40.33 -1.88 37.99
N ILE G 34 41.53 -2.13 37.47
CA ILE G 34 41.87 -3.40 36.80
C ILE G 34 41.63 -4.58 37.74
N SER G 35 41.86 -4.38 39.04
CA SER G 35 41.67 -5.43 40.02
C SER G 35 40.19 -5.81 40.18
N ASN G 36 39.33 -4.80 40.34
CA ASN G 36 37.91 -5.05 40.44
C ASN G 36 37.37 -5.73 39.20
N GLY G 37 37.90 -5.32 38.04
CA GLY G 37 37.59 -5.97 36.78
C GLY G 37 37.85 -7.47 36.80
N ILE G 38 39.06 -7.85 37.22
CA ILE G 38 39.41 -9.27 37.27
C ILE G 38 38.56 -9.99 38.30
N ALA G 39 38.42 -9.40 39.48
CA ALA G 39 37.63 -10.00 40.56
C ALA G 39 36.18 -10.25 40.14
N ASN G 40 35.59 -9.25 39.48
CA ASN G 40 34.19 -9.34 39.07
C ASN G 40 33.98 -10.31 37.90
N ALA G 41 34.97 -10.41 37.03
CA ALA G 41 34.93 -11.38 35.94
C ALA G 41 34.86 -12.80 36.50
N ASP G 42 35.74 -13.10 37.45
CA ASP G 42 35.73 -14.39 38.14
C ASP G 42 34.39 -14.63 38.87
N GLN G 43 33.84 -13.57 39.46
CA GLN G 43 32.55 -13.63 40.13
C GLN G 43 31.43 -14.06 39.16
N GLN G 44 31.49 -13.51 37.95
CA GLN G 44 30.53 -13.84 36.91
C GLN G 44 30.67 -15.27 36.45
N LEU G 45 31.91 -15.68 36.18
CA LEU G 45 32.21 -17.05 35.73
C LEU G 45 31.71 -18.14 36.68
N ALA G 46 31.71 -17.86 37.98
CA ALA G 46 31.17 -18.78 38.98
C ALA G 46 29.64 -18.86 38.87
N GLN G 47 28.99 -17.70 38.78
CA GLN G 47 27.54 -17.64 38.66
C GLN G 47 27.01 -18.22 37.37
N LEU G 48 27.84 -18.20 36.33
CA LEU G 48 27.49 -18.81 35.06
C LEU G 48 27.37 -20.32 35.21
N GLU G 49 28.38 -20.97 35.78
CA GLU G 49 28.32 -22.42 36.06
C GLU G 49 27.21 -22.77 37.05
N GLN G 50 27.03 -21.90 38.04
CA GLN G 50 25.99 -22.03 39.07
C GLN G 50 24.60 -22.15 38.45
N GLU G 51 24.24 -21.15 37.66
CA GLU G 51 22.95 -21.11 36.98
C GLU G 51 22.83 -22.23 35.95
N GLY G 52 23.83 -22.34 35.06
CA GLY G 52 23.87 -23.42 34.07
C GLY G 52 23.45 -24.76 34.64
N GLN G 53 24.08 -25.14 35.75
CA GLN G 53 23.81 -26.42 36.42
C GLN G 53 22.33 -26.55 36.82
N THR G 54 21.79 -25.56 37.52
CA THR G 54 20.40 -25.66 38.00
C THR G 54 19.38 -25.52 36.87
N VAL G 55 19.68 -24.71 35.86
CA VAL G 55 18.89 -24.65 34.63
C VAL G 55 18.78 -26.04 34.03
N VAL G 56 19.90 -26.75 33.97
CA VAL G 56 19.96 -28.12 33.44
C VAL G 56 19.07 -29.06 34.22
N ASP G 57 19.03 -28.89 35.54
CA ASP G 57 18.22 -29.75 36.39
C ASP G 57 16.74 -29.67 36.06
N GLN G 58 16.23 -28.46 35.82
CA GLN G 58 14.84 -28.25 35.39
C GLN G 58 14.60 -29.09 34.15
N VAL G 59 15.43 -28.85 33.14
CA VAL G 59 15.32 -29.51 31.85
C VAL G 59 15.33 -31.04 32.00
N ARG G 60 16.18 -31.57 32.87
CA ARG G 60 16.26 -33.01 33.09
C ARG G 60 15.00 -33.58 33.75
N ARG G 61 14.33 -32.77 34.56
CA ARG G 61 13.11 -33.18 35.25
C ARG G 61 11.86 -33.16 34.34
N GLN G 62 12.01 -32.67 33.11
CA GLN G 62 10.88 -32.64 32.18
C GLN G 62 10.64 -33.98 31.46
N SER G 63 11.32 -35.03 31.93
CA SER G 63 11.13 -36.37 31.40
C SER G 63 11.67 -37.39 32.39
N ALA G 64 11.03 -38.55 32.42
CA ALA G 64 11.48 -39.66 33.25
C ALA G 64 12.62 -40.41 32.59
N ASN G 65 12.70 -40.33 31.26
CA ASN G 65 13.77 -40.95 30.51
C ASN G 65 14.99 -40.03 30.50
N PRO G 66 16.11 -40.47 31.12
CA PRO G 66 17.28 -39.60 31.17
C PRO G 66 17.89 -39.46 29.77
N LEU G 67 17.64 -40.44 28.92
CA LEU G 67 18.15 -40.43 27.56
C LEU G 67 17.14 -39.87 26.54
N ASP G 68 16.13 -39.15 27.03
CA ASP G 68 15.15 -38.53 26.14
C ASP G 68 15.85 -37.52 25.21
N PRO G 69 15.76 -37.74 23.89
CA PRO G 69 16.49 -36.92 22.94
C PRO G 69 16.18 -35.42 23.05
N ARG G 70 14.89 -35.07 23.20
CA ARG G 70 14.49 -33.69 23.44
C ARG G 70 15.27 -33.11 24.62
N VAL G 71 15.33 -33.85 25.73
CA VAL G 71 16.07 -33.41 26.91
C VAL G 71 17.56 -33.24 26.60
N GLN G 72 18.20 -34.28 26.07
CA GLN G 72 19.61 -34.21 25.70
C GLN G 72 19.89 -33.01 24.80
N GLU G 73 19.09 -32.88 23.76
CA GLU G 73 19.16 -31.77 22.82
C GLU G 73 19.18 -30.43 23.55
N GLN G 74 18.23 -30.25 24.47
CA GLN G 74 18.13 -29.03 25.26
C GLN G 74 19.36 -28.84 26.12
N VAL G 75 19.71 -29.87 26.88
CA VAL G 75 20.89 -29.85 27.73
C VAL G 75 22.12 -29.39 26.95
N ALA G 76 22.28 -29.89 25.72
CA ALA G 76 23.39 -29.48 24.86
C ALA G 76 23.40 -27.97 24.61
N ASN G 77 22.26 -27.43 24.19
CA ASN G 77 22.13 -26.00 23.91
C ASN G 77 22.50 -25.16 25.12
N ILE G 78 22.02 -25.55 26.30
CA ILE G 78 22.37 -24.90 27.55
C ILE G 78 23.89 -24.88 27.71
N GLN G 79 24.50 -26.05 27.59
CA GLN G 79 25.94 -26.22 27.83
C GLN G 79 26.77 -25.40 26.85
N GLN G 80 26.27 -25.32 25.62
CA GLN G 80 26.89 -24.53 24.58
C GLN G 80 26.78 -23.02 24.88
N GLN G 81 25.66 -22.60 25.49
CA GLN G 81 25.52 -21.22 25.94
C GLN G 81 26.59 -20.91 26.99
N VAL G 82 26.77 -21.81 27.95
CA VAL G 82 27.78 -21.60 29.00
C VAL G 82 29.14 -21.47 28.32
N ALA G 83 29.49 -22.45 27.50
CA ALA G 83 30.76 -22.43 26.75
C ALA G 83 31.04 -21.07 26.13
N GLY G 84 30.12 -20.60 25.29
CA GLY G 84 30.28 -19.32 24.60
C GLY G 84 30.52 -18.15 25.53
N LYS G 85 29.85 -18.18 26.69
CA LYS G 85 29.97 -17.09 27.66
C LYS G 85 31.26 -17.19 28.46
N ARG G 86 31.72 -18.43 28.72
CA ARG G 86 33.05 -18.64 29.32
C ARG G 86 34.06 -17.85 28.52
N SER G 87 34.11 -18.14 27.21
CA SER G 87 35.05 -17.52 26.29
C SER G 87 35.13 -16.05 26.55
N GLU G 88 34.02 -15.35 26.32
CA GLU G 88 33.95 -13.91 26.50
C GLU G 88 34.60 -13.51 27.83
N LEU G 89 34.10 -14.06 28.92
CA LEU G 89 34.60 -13.74 30.26
C LEU G 89 36.10 -14.04 30.43
N GLU G 90 36.53 -15.22 30.00
CA GLU G 90 37.94 -15.60 30.06
C GLU G 90 38.81 -14.69 29.20
N GLU G 91 38.29 -14.27 28.04
CA GLU G 91 38.97 -13.32 27.17
C GLU G 91 39.14 -11.95 27.84
N GLN G 92 38.06 -11.43 28.41
CA GLN G 92 38.08 -10.15 29.12
C GLN G 92 39.07 -10.21 30.27
N LYS G 93 38.98 -11.30 31.05
CA LYS G 93 39.90 -11.56 32.15
C LYS G 93 41.35 -11.59 31.65
N ARG G 94 41.56 -12.18 30.47
CA ARG G 94 42.88 -12.25 29.87
C ARG G 94 43.43 -10.88 29.55
N ASN G 95 42.56 -9.98 29.06
CA ASN G 95 42.98 -8.62 28.73
C ASN G 95 43.39 -7.86 29.96
N LEU G 96 42.56 -7.94 30.99
CA LEU G 96 42.79 -7.23 32.24
C LEU G 96 44.10 -7.67 32.86
N LEU G 97 44.30 -8.99 32.93
CA LEU G 97 45.54 -9.54 33.47
C LEU G 97 46.74 -8.98 32.72
N GLN G 98 46.60 -8.88 31.40
CA GLN G 98 47.63 -8.30 30.56
C GLN G 98 47.83 -6.80 30.85
N GLN G 99 46.75 -6.10 31.23
CA GLN G 99 46.85 -4.68 31.57
C GLN G 99 47.53 -4.53 32.92
N GLN G 100 47.06 -5.30 33.89
CA GLN G 100 47.69 -5.39 35.20
C GLN G 100 49.19 -5.60 34.99
N ALA G 101 49.52 -6.49 34.06
CA ALA G 101 50.91 -6.72 33.67
C ALA G 101 51.59 -5.44 33.26
N GLN G 102 51.04 -4.76 32.25
CA GLN G 102 51.63 -3.53 31.71
C GLN G 102 51.74 -2.45 32.75
N VAL G 103 50.63 -2.19 33.45
CA VAL G 103 50.61 -1.19 34.51
C VAL G 103 51.79 -1.37 35.45
N ARG G 104 52.04 -2.60 35.89
CA ARG G 104 53.20 -2.86 36.75
C ARG G 104 54.53 -2.60 36.03
N GLU G 105 54.57 -2.87 34.73
CA GLU G 105 55.78 -2.69 33.91
C GLU G 105 56.26 -1.23 33.84
N LEU G 106 55.32 -0.28 33.92
CA LEU G 106 55.62 1.13 33.69
C LEU G 106 56.61 1.78 34.66
N GLU G 107 57.61 2.45 34.08
CA GLU G 107 58.57 3.23 34.85
C GLU G 107 57.94 4.57 35.21
N MSE G 108 58.06 4.98 36.46
CA MSE G 108 57.57 6.29 36.92
C MSE G 108 58.03 7.43 36.02
O MSE G 108 59.15 7.41 35.48
CB MSE G 108 58.03 6.57 38.35
CG MSE G 108 57.52 5.60 39.39
SE MSE G 108 55.63 5.79 39.69
CE MSE G 108 55.53 4.81 41.35
N ASP G 109 57.17 8.44 35.88
CA ASP G 109 57.41 9.58 35.00
C ASP G 109 57.22 9.22 33.54
N GLN G 110 56.69 8.04 33.28
CA GLN G 110 56.43 7.62 31.91
C GLN G 110 55.14 8.27 31.42
N ILE G 111 55.10 8.63 30.15
CA ILE G 111 53.92 9.25 29.56
C ILE G 111 53.09 8.21 28.84
N VAL G 112 51.81 8.14 29.18
CA VAL G 112 50.88 7.14 28.61
C VAL G 112 49.49 7.75 28.31
N GLU G 113 48.79 7.17 27.33
CA GLU G 113 47.50 7.68 26.84
C GLU G 113 46.37 7.60 27.88
N GLN G 114 45.54 8.64 27.91
CA GLN G 114 44.42 8.66 28.85
C GLN G 114 43.09 8.80 28.17
N GLY G 115 43.04 9.55 27.08
CA GLY G 115 41.77 9.76 26.41
C GLY G 115 41.73 11.07 25.67
N GLN G 116 40.53 11.57 25.43
CA GLN G 116 40.36 12.76 24.60
C GLN G 116 39.38 13.80 25.18
N LEU G 117 39.58 15.04 24.79
CA LEU G 117 38.69 16.13 25.16
C LEU G 117 38.26 16.83 23.90
N GLU G 118 37.03 17.33 23.88
CA GLU G 118 36.57 18.14 22.77
C GLU G 118 37.13 19.54 22.91
N SER G 119 37.85 19.98 21.89
CA SER G 119 38.36 21.33 21.88
C SER G 119 37.88 22.06 20.65
N SER G 120 38.32 23.29 20.53
CA SER G 120 38.11 24.08 19.33
C SER G 120 39.31 25.00 19.13
N CYS G 121 39.70 25.17 17.88
CA CYS G 121 40.71 26.14 17.53
C CYS G 121 40.23 26.95 16.33
N GLU G 122 41.04 27.94 15.96
CA GLU G 122 40.79 28.71 14.77
C GLU G 122 41.78 28.30 13.71
N ILE G 123 41.37 28.37 12.46
CA ILE G 123 42.28 28.10 11.36
C ILE G 123 42.08 29.10 10.23
N LYS G 124 43.15 29.36 9.48
CA LYS G 124 43.09 30.24 8.34
C LYS G 124 43.96 29.70 7.22
N VAL G 125 43.75 30.20 6.01
CA VAL G 125 44.57 29.80 4.87
C VAL G 125 46.04 29.80 5.27
N GLY G 126 46.74 28.73 4.91
CA GLY G 126 48.16 28.62 5.21
C GLY G 126 48.47 27.80 6.45
N ASP G 127 47.47 27.65 7.34
CA ASP G 127 47.60 26.81 8.52
C ASP G 127 47.75 25.34 8.11
N ASN G 128 48.51 24.58 8.88
CA ASN G 128 48.50 23.12 8.72
C ASN G 128 47.33 22.45 9.46
N LEU G 129 46.29 22.13 8.71
CA LEU G 129 45.11 21.52 9.29
C LEU G 129 45.43 20.25 10.09
N VAL G 130 46.23 19.37 9.50
CA VAL G 130 46.61 18.11 10.15
C VAL G 130 47.23 18.34 11.53
N GLU G 131 48.10 19.34 11.64
CA GLU G 131 48.80 19.66 12.89
C GLU G 131 47.88 20.28 13.94
N LYS G 132 46.78 20.88 13.51
CA LYS G 132 45.78 21.37 14.45
C LYS G 132 44.97 20.20 14.99
N MSE G 133 44.89 19.14 14.19
CA MSE G 133 44.09 17.96 14.54
C MSE G 133 44.85 16.98 15.42
O MSE G 133 44.30 15.95 15.82
CB MSE G 133 43.66 17.24 13.26
CG MSE G 133 42.93 18.11 12.27
SE MSE G 133 41.20 18.59 12.95
CE MSE G 133 40.39 16.79 12.87
N GLN G 134 46.11 17.28 15.71
CA GLN G 134 46.95 16.38 16.50
C GLN G 134 47.66 17.12 17.61
N VAL G 135 46.91 17.42 18.66
CA VAL G 135 47.45 18.17 19.74
C VAL G 135 47.26 17.39 21.00
N ALA G 136 48.29 17.37 21.84
CA ALA G 136 48.25 16.55 23.04
C ALA G 136 48.61 17.32 24.31
N ILE G 137 47.97 16.94 25.42
CA ILE G 137 48.39 17.46 26.72
C ILE G 137 48.86 16.39 27.72
N VAL G 138 49.97 16.68 28.40
CA VAL G 138 50.51 15.78 29.40
C VAL G 138 50.06 16.29 30.77
N VAL G 139 49.48 15.42 31.57
CA VAL G 139 48.98 15.80 32.89
C VAL G 139 49.59 14.92 33.98
N ARG G 140 50.22 15.58 34.95
CA ARG G 140 50.78 14.92 36.13
C ARG G 140 49.94 15.29 37.35
N ASP G 141 49.18 14.31 37.85
CA ASP G 141 48.32 14.48 39.01
C ASP G 141 47.51 15.79 38.96
N GLY G 142 46.82 16.00 37.85
CA GLY G 142 45.91 17.13 37.71
C GLY G 142 46.53 18.35 37.07
N VAL G 143 47.84 18.49 37.23
CA VAL G 143 48.53 19.65 36.68
C VAL G 143 49.04 19.36 35.27
N ILE G 144 48.79 20.30 34.37
CA ILE G 144 49.24 20.14 33.00
C ILE G 144 50.73 20.44 32.93
N GLN G 145 51.47 19.55 32.29
CA GLN G 145 52.93 19.67 32.20
C GLN G 145 53.39 20.24 30.86
N SER G 146 52.74 19.85 29.78
CA SER G 146 53.06 20.44 28.48
C SER G 146 51.88 20.38 27.52
N ILE G 147 52.07 21.04 26.37
CA ILE G 147 51.07 21.07 25.33
C ILE G 147 51.83 20.73 24.06
N GLU G 148 51.92 19.44 23.78
CA GLU G 148 52.72 18.98 22.65
C GLU G 148 51.87 18.75 21.42
N GLU G 149 52.50 18.80 20.25
CA GLU G 149 51.84 18.39 19.01
C GLU G 149 51.96 16.88 18.80
N ALA G 150 52.83 16.24 19.57
CA ALA G 150 53.10 14.81 19.47
C ALA G 150 51.84 13.97 19.60
N ALA H 3 58.42 17.31 18.13
CA ALA H 3 57.32 16.91 19.05
C ALA H 3 57.14 17.95 20.17
N ASP H 6 54.64 26.93 23.73
CA ASP H 6 54.34 26.72 25.15
C ASP H 6 53.38 27.77 25.73
N GLY H 7 53.29 28.92 25.08
CA GLY H 7 52.34 29.96 25.47
C GLY H 7 50.92 29.68 25.00
N THR H 8 50.74 28.52 24.37
CA THR H 8 49.46 28.13 23.78
C THR H 8 48.37 28.05 24.83
N ILE H 9 47.26 28.73 24.55
CA ILE H 9 46.05 28.56 25.35
C ILE H 9 45.10 27.66 24.58
N LEU H 10 44.68 26.58 25.23
CA LEU H 10 43.73 25.67 24.65
C LEU H 10 42.39 25.90 25.29
N THR H 11 41.36 25.94 24.46
CA THR H 11 40.01 26.05 24.96
C THR H 11 39.28 24.73 24.74
N ILE H 12 38.96 24.04 25.83
CA ILE H 12 38.31 22.74 25.77
C ILE H 12 36.88 22.80 26.27
N LYS H 13 36.16 21.71 26.14
CA LYS H 13 34.76 21.62 26.56
C LYS H 13 34.66 21.16 28.01
N ARG H 14 33.63 21.59 28.73
CA ARG H 14 33.46 21.18 30.13
C ARG H 14 32.05 21.35 30.68
N PRO H 15 31.61 20.42 31.53
CA PRO H 15 30.28 20.56 32.08
C PRO H 15 30.22 21.62 33.16
N ILE H 16 29.07 22.28 33.25
CA ILE H 16 28.71 23.14 34.38
C ILE H 16 27.70 22.33 35.17
N THR H 17 27.85 22.30 36.48
CA THR H 17 26.86 21.67 37.32
C THR H 17 25.81 22.69 37.72
N VAL H 18 24.55 22.33 37.56
CA VAL H 18 23.47 23.22 37.93
C VAL H 18 22.94 22.76 39.28
N ARG H 19 23.10 23.62 40.28
CA ARG H 19 22.47 23.38 41.58
C ARG H 19 21.28 24.31 41.70
N ALA H 20 20.13 23.79 42.11
CA ALA H 20 18.94 24.64 42.29
C ALA H 20 18.59 24.92 43.76
N VAL H 21 18.00 26.08 43.99
CA VAL H 21 17.56 26.50 45.31
C VAL H 21 16.14 26.02 45.52
N VAL H 22 15.86 25.44 46.68
CA VAL H 22 14.52 24.93 46.99
C VAL H 22 13.54 26.08 47.23
N THR H 23 12.52 26.14 46.38
CA THR H 23 11.51 27.16 46.48
C THR H 23 10.16 26.50 46.27
N PRO H 24 9.08 27.13 46.76
CA PRO H 24 7.75 26.61 46.47
C PRO H 24 7.59 26.27 44.99
N THR H 25 8.12 27.12 44.11
CA THR H 25 8.02 26.93 42.67
C THR H 25 8.81 25.70 42.25
N TRP H 26 9.99 25.53 42.83
CA TRP H 26 10.82 24.38 42.55
C TRP H 26 10.20 23.08 43.00
N LYS H 27 9.43 23.14 44.09
CA LYS H 27 8.73 21.97 44.63
C LYS H 27 7.51 21.60 43.79
N GLU H 28 6.70 22.60 43.45
CA GLU H 28 5.54 22.37 42.59
C GLU H 28 5.97 21.63 41.34
N GLU H 29 7.11 22.03 40.78
CA GLU H 29 7.64 21.47 39.53
C GLU H 29 8.14 20.05 39.71
N ALA H 30 8.96 19.83 40.74
CA ALA H 30 9.49 18.50 41.01
C ALA H 30 8.35 17.52 41.27
N GLU H 31 7.46 17.88 42.18
CA GLU H 31 6.34 17.02 42.56
C GLU H 31 5.56 16.52 41.34
N ARG H 32 5.27 17.42 40.39
CA ARG H 32 4.57 17.02 39.17
C ARG H 32 5.41 16.12 38.28
N GLU H 33 6.70 16.42 38.15
CA GLU H 33 7.61 15.59 37.37
C GLU H 33 7.63 14.18 37.93
N ILE H 34 7.70 14.07 39.25
CA ILE H 34 7.68 12.78 39.94
C ILE H 34 6.32 12.07 39.75
N SER H 35 5.23 12.76 40.07
CA SER H 35 3.89 12.21 39.98
C SER H 35 3.64 11.55 38.63
N ASN H 36 4.10 12.21 37.57
CA ASN H 36 4.04 11.67 36.22
C ASN H 36 4.76 10.34 36.12
N GLY H 37 6.04 10.33 36.53
CA GLY H 37 6.83 9.10 36.55
C GLY H 37 6.06 7.97 37.22
N ILE H 38 5.56 8.24 38.43
CA ILE H 38 4.76 7.29 39.19
C ILE H 38 3.54 6.82 38.38
N ALA H 39 2.58 7.72 38.16
CA ALA H 39 1.35 7.40 37.43
C ALA H 39 1.67 6.62 36.17
N ASN H 40 2.66 7.09 35.43
CA ASN H 40 3.11 6.46 34.19
C ASN H 40 3.59 5.01 34.41
N ALA H 41 4.53 4.82 35.34
CA ALA H 41 5.02 3.48 35.68
C ALA H 41 3.85 2.54 35.98
N ASP H 42 3.02 2.91 36.95
CA ASP H 42 1.81 2.17 37.31
C ASP H 42 1.00 1.71 36.09
N GLN H 43 0.75 2.66 35.18
CA GLN H 43 -0.03 2.39 33.98
C GLN H 43 0.65 1.33 33.10
N GLN H 44 1.98 1.41 32.98
CA GLN H 44 2.76 0.41 32.26
C GLN H 44 2.68 -0.94 32.94
N LEU H 45 2.80 -0.95 34.27
CA LEU H 45 2.65 -2.14 35.07
C LEU H 45 1.30 -2.81 34.89
N ALA H 46 0.25 -1.99 34.78
CA ALA H 46 -1.12 -2.49 34.59
C ALA H 46 -1.30 -3.05 33.19
N GLN H 47 -0.65 -2.41 32.22
CA GLN H 47 -0.73 -2.84 30.83
C GLN H 47 0.08 -4.11 30.61
N LEU H 48 1.18 -4.25 31.36
CA LEU H 48 2.04 -5.43 31.28
C LEU H 48 1.29 -6.69 31.67
N GLU H 49 0.46 -6.58 32.70
CA GLU H 49 -0.35 -7.69 33.17
C GLU H 49 -1.48 -7.98 32.19
N GLN H 50 -2.16 -6.92 31.73
CA GLN H 50 -3.26 -7.06 30.77
C GLN H 50 -2.77 -7.59 29.43
N GLU H 51 -1.49 -7.40 29.14
CA GLU H 51 -0.83 -7.99 27.98
C GLU H 51 -0.44 -9.44 28.28
N GLY H 52 0.17 -9.66 29.44
CA GLY H 52 0.62 -10.99 29.86
C GLY H 52 -0.48 -12.03 29.90
N GLN H 53 -1.65 -11.64 30.39
CA GLN H 53 -2.84 -12.50 30.40
C GLN H 53 -3.30 -12.81 28.97
N THR H 54 -3.22 -11.82 28.08
CA THR H 54 -3.64 -11.97 26.67
C THR H 54 -2.73 -12.89 25.87
N VAL H 55 -1.42 -12.81 26.11
CA VAL H 55 -0.45 -13.64 25.40
C VAL H 55 -0.63 -15.12 25.72
N VAL H 56 -0.91 -15.40 27.00
CA VAL H 56 -1.17 -16.75 27.48
C VAL H 56 -2.39 -17.36 26.76
N ASP H 57 -3.46 -16.58 26.66
CA ASP H 57 -4.70 -17.01 26.00
C ASP H 57 -4.52 -17.36 24.52
N GLN H 58 -3.56 -16.70 23.87
CA GLN H 58 -3.18 -17.00 22.50
C GLN H 58 -2.50 -18.36 22.39
N VAL H 59 -1.54 -18.61 23.28
CA VAL H 59 -0.81 -19.88 23.34
C VAL H 59 -1.76 -21.04 23.66
N ARG H 60 -2.82 -20.74 24.41
CA ARG H 60 -3.84 -21.71 24.79
C ARG H 60 -4.93 -21.84 23.71
N ARG H 61 -4.56 -21.57 22.47
CA ARG H 61 -5.47 -21.72 21.33
C ARG H 61 -4.70 -22.47 20.24
N GLN H 62 -4.18 -23.64 20.61
CA GLN H 62 -3.35 -24.46 19.73
C GLN H 62 -3.66 -25.95 19.86
N SER H 63 -4.40 -26.33 20.90
CA SER H 63 -4.85 -27.71 21.10
C SER H 63 -6.20 -27.75 21.81
N PRO H 66 -6.00 -29.93 25.60
CA PRO H 66 -6.04 -28.67 26.32
C PRO H 66 -4.66 -28.33 26.88
N LEU H 67 -4.18 -29.18 27.80
CA LEU H 67 -2.91 -28.98 28.50
C LEU H 67 -1.67 -29.37 27.71
N ASP H 68 -1.66 -29.03 26.42
CA ASP H 68 -0.51 -29.32 25.55
C ASP H 68 0.78 -29.08 26.35
N PRO H 69 1.66 -30.11 26.43
CA PRO H 69 2.88 -30.02 27.22
C PRO H 69 3.89 -28.99 26.69
N ARG H 70 3.77 -28.64 25.41
CA ARG H 70 4.57 -27.57 24.80
C ARG H 70 4.14 -26.21 25.36
N VAL H 71 2.81 -26.00 25.41
CA VAL H 71 2.20 -24.81 25.99
C VAL H 71 2.59 -24.63 27.46
N GLN H 72 2.62 -25.75 28.20
CA GLN H 72 2.89 -25.76 29.63
C GLN H 72 4.36 -25.46 29.99
N GLU H 73 5.17 -25.17 28.98
CA GLU H 73 6.54 -24.68 29.16
C GLU H 73 6.64 -23.30 28.52
N GLN H 74 5.81 -23.08 27.50
CA GLN H 74 5.73 -21.82 26.77
C GLN H 74 4.99 -20.77 27.59
N VAL H 75 4.13 -21.25 28.49
CA VAL H 75 3.39 -20.39 29.40
C VAL H 75 4.28 -19.97 30.59
N ALA H 76 5.34 -20.73 30.83
CA ALA H 76 6.28 -20.46 31.92
C ALA H 76 7.25 -19.33 31.56
N ASN H 77 7.66 -19.27 30.29
CA ASN H 77 8.54 -18.20 29.80
C ASN H 77 7.79 -16.88 29.63
N ILE H 78 6.56 -16.96 29.11
CA ILE H 78 5.64 -15.82 29.05
C ILE H 78 5.11 -15.53 30.47
N GLN H 79 6.00 -15.65 31.46
CA GLN H 79 5.64 -15.47 32.86
C GLN H 79 6.87 -15.17 33.70
N GLN H 80 7.99 -15.83 33.37
CA GLN H 80 9.27 -15.59 34.01
C GLN H 80 9.76 -14.18 33.69
N GLN H 81 9.49 -13.74 32.47
CA GLN H 81 9.84 -12.40 32.03
C GLN H 81 8.94 -11.35 32.71
N VAL H 82 7.63 -11.51 32.57
CA VAL H 82 6.65 -10.59 33.15
C VAL H 82 6.99 -10.26 34.61
N ALA H 83 7.38 -11.28 35.38
CA ALA H 83 7.83 -11.10 36.77
C ALA H 83 9.12 -10.30 36.91
N GLY H 84 10.12 -10.64 36.09
CA GLY H 84 11.38 -9.89 36.07
C GLY H 84 11.21 -8.48 35.53
N LYS H 85 10.31 -8.36 34.54
CA LYS H 85 9.99 -7.08 33.93
C LYS H 85 9.31 -6.16 34.94
N ARG H 86 8.20 -6.61 35.52
CA ARG H 86 7.49 -5.85 36.54
C ARG H 86 8.42 -5.46 37.68
N SER H 87 9.38 -6.33 37.99
CA SER H 87 10.32 -6.10 39.09
C SER H 87 11.15 -4.82 38.88
N GLU H 88 11.51 -4.54 37.63
CA GLU H 88 12.23 -3.32 37.29
C GLU H 88 11.30 -2.10 37.34
N LEU H 89 10.10 -2.23 36.78
CA LEU H 89 9.09 -1.16 36.83
C LEU H 89 8.75 -0.77 38.28
N GLU H 90 8.62 -1.77 39.13
CA GLU H 90 8.39 -1.54 40.55
C GLU H 90 9.62 -0.96 41.25
N GLU H 91 10.80 -1.24 40.73
CA GLU H 91 12.02 -0.69 41.31
C GLU H 91 12.08 0.81 41.07
N GLN H 92 11.86 1.22 39.83
CA GLN H 92 11.80 2.63 39.46
C GLN H 92 10.80 3.38 40.31
N LYS H 93 9.62 2.79 40.50
CA LYS H 93 8.55 3.40 41.29
C LYS H 93 8.99 3.62 42.73
N ARG H 94 9.73 2.66 43.28
CA ARG H 94 10.34 2.78 44.60
C ARG H 94 11.27 3.98 44.66
N ASN H 95 12.02 4.21 43.57
CA ASN H 95 12.95 5.33 43.45
C ASN H 95 12.24 6.67 43.50
N LEU H 96 11.27 6.82 42.61
CA LEU H 96 10.55 8.08 42.48
C LEU H 96 9.83 8.46 43.77
N LEU H 97 9.28 7.46 44.45
CA LEU H 97 8.61 7.68 45.73
C LEU H 97 9.60 8.09 46.81
N GLN H 98 10.85 7.69 46.65
CA GLN H 98 11.92 8.12 47.53
C GLN H 98 12.28 9.57 47.24
N GLN H 99 12.40 9.88 45.94
CA GLN H 99 12.64 11.25 45.50
C GLN H 99 11.54 12.15 46.05
N GLN H 100 10.29 11.79 45.77
CA GLN H 100 9.15 12.51 46.33
C GLN H 100 9.27 12.72 47.84
N ALA H 101 9.66 11.67 48.55
CA ALA H 101 9.90 11.79 49.97
C ALA H 101 10.95 12.86 50.27
N GLN H 102 12.08 12.81 49.56
CA GLN H 102 13.15 13.78 49.77
C GLN H 102 12.66 15.20 49.52
N VAL H 103 11.88 15.38 48.45
CA VAL H 103 11.33 16.68 48.08
C VAL H 103 10.53 17.29 49.23
N ARG H 104 9.57 16.52 49.75
CA ARG H 104 8.74 16.96 50.86
C ARG H 104 9.51 17.15 52.17
N GLU H 105 10.68 16.54 52.28
CA GLU H 105 11.55 16.69 53.45
C GLU H 105 12.43 17.94 53.36
N LEU H 106 12.90 18.26 52.16
CA LEU H 106 13.78 19.40 51.93
C LEU H 106 13.16 20.70 52.43
N GLU H 107 13.95 21.46 53.18
CA GLU H 107 13.51 22.77 53.65
C GLU H 107 13.95 23.88 52.69
N MSE H 108 13.06 24.84 52.48
CA MSE H 108 13.28 25.96 51.57
C MSE H 108 14.67 26.57 51.77
O MSE H 108 15.14 26.70 52.90
CB MSE H 108 12.21 27.05 51.79
CG MSE H 108 10.77 26.57 51.67
SE MSE H 108 10.36 25.83 49.93
CE MSE H 108 8.44 25.57 50.15
N ASP H 109 15.31 26.91 50.65
CA ASP H 109 16.63 27.57 50.65
C ASP H 109 17.82 26.63 50.63
N GLN H 110 17.55 25.33 50.64
CA GLN H 110 18.62 24.38 50.48
C GLN H 110 18.97 24.22 49.02
N ILE H 111 20.24 23.96 48.78
CA ILE H 111 20.77 23.81 47.45
C ILE H 111 20.86 22.31 47.17
N VAL H 112 20.50 21.92 45.94
CA VAL H 112 20.50 20.52 45.53
C VAL H 112 20.81 20.37 44.04
N GLU H 113 21.73 19.43 43.72
CA GLU H 113 22.16 19.18 42.35
C GLU H 113 20.99 18.96 41.41
N GLN H 114 21.15 19.38 40.16
CA GLN H 114 20.05 19.43 39.21
C GLN H 114 20.49 19.26 37.76
N GLY H 115 21.63 18.62 37.55
CA GLY H 115 22.06 18.33 36.19
C GLY H 115 23.20 19.17 35.64
N GLN H 116 23.58 18.86 34.41
CA GLN H 116 24.76 19.42 33.78
C GLN H 116 24.38 20.37 32.64
N LEU H 117 25.32 21.24 32.27
CA LEU H 117 25.20 22.09 31.10
C LEU H 117 26.52 22.12 30.35
N GLU H 118 26.46 21.93 29.02
CA GLU H 118 27.68 21.96 28.22
C GLU H 118 28.28 23.37 28.17
N SER H 119 29.53 23.47 28.62
CA SER H 119 30.22 24.75 28.70
C SER H 119 31.61 24.57 28.08
N SER H 120 32.40 25.64 28.09
CA SER H 120 33.80 25.52 27.69
C SER H 120 34.69 26.44 28.55
N CYS H 121 35.98 26.16 28.59
CA CYS H 121 36.93 27.02 29.28
C CYS H 121 38.30 26.94 28.62
N GLU H 122 39.26 27.68 29.17
CA GLU H 122 40.63 27.66 28.69
C GLU H 122 41.57 26.98 29.66
N ILE H 123 42.56 26.27 29.09
CA ILE H 123 43.63 25.63 29.85
C ILE H 123 45.00 26.04 29.32
N LYS H 124 45.99 25.98 30.19
CA LYS H 124 47.32 26.49 29.89
C LYS H 124 48.32 25.68 30.69
N VAL H 125 49.52 25.48 30.15
CA VAL H 125 50.57 24.78 30.89
C VAL H 125 50.67 25.33 32.31
N GLY H 126 50.46 24.49 33.31
CA GLY H 126 50.48 24.95 34.69
C GLY H 126 49.11 24.97 35.36
N ASP H 127 48.05 25.04 34.56
CA ASP H 127 46.67 24.89 35.03
C ASP H 127 46.41 23.54 35.70
N ASN H 128 45.39 23.49 36.56
CA ASN H 128 44.92 22.24 37.13
C ASN H 128 43.68 21.75 36.39
N LEU H 129 43.88 20.88 35.41
CA LEU H 129 42.81 20.38 34.55
C LEU H 129 41.54 20.03 35.31
N VAL H 130 41.72 19.28 36.39
CA VAL H 130 40.61 18.82 37.21
C VAL H 130 39.77 19.98 37.72
N GLU H 131 40.42 21.11 38.00
CA GLU H 131 39.76 22.24 38.65
C GLU H 131 39.08 23.21 37.69
N LYS H 132 38.91 22.80 36.44
CA LYS H 132 38.18 23.60 35.47
C LYS H 132 36.97 22.79 35.07
N MSE H 133 37.18 21.48 35.01
CA MSE H 133 36.09 20.51 34.95
C MSE H 133 35.10 20.71 36.10
O MSE H 133 33.96 20.24 36.02
CB MSE H 133 36.65 19.07 34.98
CG MSE H 133 37.87 18.83 34.09
SE MSE H 133 37.49 19.05 32.19
CE MSE H 133 39.19 19.73 31.62
N GLN H 134 35.53 21.37 37.16
CA GLN H 134 34.65 21.66 38.29
C GLN H 134 34.19 23.10 38.26
N VAL H 135 32.94 23.31 37.88
CA VAL H 135 32.26 24.59 38.04
C VAL H 135 30.77 24.35 38.20
N ALA H 136 30.18 25.04 39.17
CA ALA H 136 28.75 24.98 39.44
C ALA H 136 28.13 26.37 39.49
N ILE H 137 26.89 26.48 39.03
CA ILE H 137 26.11 27.70 39.17
C ILE H 137 24.91 27.41 40.08
N VAL H 138 24.44 28.40 40.83
CA VAL H 138 23.31 28.21 41.75
C VAL H 138 22.11 29.01 41.28
N VAL H 139 20.98 28.33 41.08
CA VAL H 139 19.82 28.95 40.45
C VAL H 139 18.55 28.94 41.31
N ARG H 140 18.04 30.14 41.60
CA ARG H 140 16.76 30.30 42.28
C ARG H 140 15.73 30.76 41.27
N ASP H 141 14.78 29.86 40.99
CA ASP H 141 13.67 30.09 40.06
C ASP H 141 14.10 30.72 38.74
N GLY H 142 15.00 30.06 38.02
CA GLY H 142 15.44 30.54 36.71
C GLY H 142 16.62 31.49 36.72
N VAL H 143 16.79 32.21 37.83
CA VAL H 143 17.81 33.26 37.90
C VAL H 143 19.08 32.74 38.57
N ILE H 144 20.23 33.11 38.00
CA ILE H 144 21.50 32.65 38.55
C ILE H 144 21.88 33.48 39.76
N GLN H 145 22.01 32.84 40.92
CA GLN H 145 22.46 33.57 42.10
C GLN H 145 23.98 33.62 42.23
N SER H 146 24.67 32.55 41.84
CA SER H 146 26.13 32.56 42.00
C SER H 146 26.84 31.53 41.13
N ILE H 147 28.17 31.67 41.11
CA ILE H 147 29.07 30.81 40.35
C ILE H 147 30.22 30.34 41.25
N GLU H 148 30.29 29.03 41.48
CA GLU H 148 31.26 28.42 42.38
C GLU H 148 32.34 27.64 41.62
N GLU H 149 33.60 28.07 41.79
CA GLU H 149 34.74 27.54 41.04
C GLU H 149 35.79 26.80 41.88
S SO4 I . -28.51 -19.49 -19.75
O1 SO4 I . -27.36 -18.55 -19.90
O2 SO4 I . -29.56 -19.13 -20.73
O3 SO4 I . -28.03 -20.87 -19.99
O4 SO4 I . -29.06 -19.39 -18.38
S SO4 J . 28.68 19.22 20.31
O1 SO4 J . 28.86 20.42 19.46
O2 SO4 J . 28.61 18.02 19.46
O3 SO4 J . 29.82 19.10 21.24
O4 SO4 J . 27.43 19.35 21.09
#